data_8JA3
#
_entry.id   8JA3
#
_cell.length_a   1.00
_cell.length_b   1.00
_cell.length_c   1.00
_cell.angle_alpha   90.00
_cell.angle_beta   90.00
_cell.angle_gamma   90.00
#
_symmetry.space_group_name_H-M   'P 1'
#
loop_
_entity.id
_entity.type
_entity.pdbx_description
1 polymer Beta-arrestin-1
2 polymer 'C3a anaphylatoxin chemotactic receptor'
3 polymer 'Fab30 heavy chain'
4 polymer 'Fab30 light chain'
#
loop_
_entity_poly.entity_id
_entity_poly.type
_entity_poly.pdbx_seq_one_letter_code
_entity_poly.pdbx_strand_id
1 'polypeptide(L)'
;MGDKGTRVFKKASPNGKLTVYLGKRDFVDHIDLVDPVDGVVLVDPEYLKERRVYVTLTCAFRYGREDLDVLGLTFRKDLF
VANVQSFPPAPEDKKPLTRLQERLIKKLGEHAYPFTFEIPPNLPCSVTLQPGPEDTGKACGVDYEVKAFCAENLEEKIHK
RNSVRLVIRKVQYAPERPGPQPTAETTRQFLMSDKPLHLEASLDKEIYYHGEPISVNVHVTNNTNKTVKKIKISVRQYAD
ICLFNTAQYKCPVAMEEADDTVAPSSTFCKVYTLTPFLANNREKRGLALDGKLKHEDTNLASSTLLREGANREILGIIVS
YKVKVKLVVSRGGLLGDLASSDVAVELPFTLMHPKPK
;
B,A
2 'polypeptide(L)' (SEP)EEL(TPO)R(SEP)(TPO)HC U,V
3 'polypeptide(L)'
;EISEVQLVESGGGLVQPGGSLRLSCAASGFNVYSSSIHWVRQAPGKGLEWVASISSYYGYTYYADSVKGRFTISADTSKN
TAYLQMNSLRAEDTAVYYCARSRQFWYSGLDYWGQGTLVTVSSASTKGPSVFPLAPSSKSTSGGTAALGCLVKDYFPEPV
TVSWNSGALTSGVHTFPAVLQSSGLYSLSSVVTVPSSSLGTQTYICNVNHKPSNTKVDKKVEPKSCDKTHHHHHHHH
;
I,H
4 'polypeptide(L)'
;SDIQMTQSPSSLSASVGDRVTITCRASQSVSSAVAWYQQKPGKAPKLLIYSASSLYSGVPSRFSGSRSGTDFTLTISSLQ
PEDFATYYCQQYKYVPVTFGQGTKVEIKRTVAAPSVFIFPPSDSQLKSGTASVVCLLNNFYPREAKVQWKVDNALQSGNS
QESVTEQDSKDSTYSLSSTLTLSKADYEKHKVYACEVTHQGLSSPVTKSFNRGEC
;
M,L
#
# COMPACT_ATOMS: atom_id res chain seq x y z
N ARG A 7 -5.21 -2.49 -21.59
CA ARG A 7 -5.70 -2.02 -20.26
C ARG A 7 -5.86 -3.22 -19.36
N VAL A 8 -5.01 -3.31 -18.34
CA VAL A 8 -4.81 -4.55 -17.59
C VAL A 8 -5.50 -4.45 -16.24
N PHE A 9 -6.18 -5.53 -15.85
CA PHE A 9 -6.78 -5.62 -14.53
C PHE A 9 -5.72 -5.80 -13.46
N LYS A 10 -5.96 -5.24 -12.27
CA LYS A 10 -5.08 -5.40 -11.12
C LYS A 10 -5.91 -5.76 -9.88
N LYS A 11 -5.36 -6.63 -9.03
CA LYS A 11 -5.91 -6.83 -7.69
C LYS A 11 -4.76 -6.99 -6.70
N ALA A 12 -4.87 -6.31 -5.55
CA ALA A 12 -3.83 -6.33 -4.52
C ALA A 12 -4.34 -7.06 -3.28
N SER A 13 -3.43 -7.78 -2.63
CA SER A 13 -3.76 -8.61 -1.48
C SER A 13 -4.09 -7.72 -0.28
N PRO A 14 -4.57 -8.32 0.82
CA PRO A 14 -4.85 -7.51 2.02
C PRO A 14 -3.62 -6.92 2.67
N ASN A 15 -2.44 -7.55 2.51
CA ASN A 15 -1.22 -6.93 3.00
C ASN A 15 -0.78 -5.75 2.13
N GLY A 16 -1.28 -5.67 0.91
CA GLY A 16 -1.03 -4.53 0.07
C GLY A 16 0.29 -4.55 -0.67
N LYS A 17 1.24 -5.40 -0.27
CA LYS A 17 2.51 -5.46 -0.96
C LYS A 17 2.44 -6.34 -2.21
N LEU A 18 1.52 -7.30 -2.23
CA LEU A 18 1.42 -8.26 -3.33
C LEU A 18 0.34 -7.85 -4.31
N THR A 19 0.66 -7.90 -5.60
CA THR A 19 -0.28 -7.62 -6.66
C THR A 19 -0.11 -8.61 -7.80
N VAL A 20 -1.21 -8.89 -8.51
CA VAL A 20 -1.17 -9.69 -9.73
C VAL A 20 -1.78 -8.87 -10.85
N TYR A 21 -1.28 -9.12 -12.07
CA TYR A 21 -1.79 -8.49 -13.28
C TYR A 21 -2.25 -9.55 -14.27
N LEU A 22 -3.37 -9.29 -14.94
CA LEU A 22 -3.74 -10.02 -16.13
C LEU A 22 -4.09 -9.01 -17.23
N GLY A 23 -3.56 -9.24 -18.42
CA GLY A 23 -3.80 -8.35 -19.54
C GLY A 23 -5.23 -8.37 -20.04
N LYS A 24 -5.98 -9.43 -19.71
CA LYS A 24 -7.40 -9.49 -19.96
C LYS A 24 -7.96 -10.66 -19.15
N ARG A 25 -9.27 -10.63 -18.95
CA ARG A 25 -9.93 -11.62 -18.13
C ARG A 25 -10.90 -12.51 -18.92
N ASP A 26 -10.96 -12.33 -20.24
CA ASP A 26 -11.62 -13.27 -21.13
C ASP A 26 -10.64 -13.64 -22.23
N PHE A 27 -10.43 -14.94 -22.43
CA PHE A 27 -9.42 -15.43 -23.35
C PHE A 27 -10.07 -16.32 -24.40
N VAL A 28 -9.69 -16.13 -25.65
CA VAL A 28 -10.36 -16.77 -26.77
C VAL A 28 -9.81 -18.16 -26.99
N ASP A 29 -10.64 -19.02 -27.59
CA ASP A 29 -10.23 -20.32 -28.09
C ASP A 29 -10.26 -20.29 -29.62
N HIS A 30 -9.14 -20.63 -30.24
CA HIS A 30 -9.09 -20.75 -31.69
C HIS A 30 -9.60 -22.10 -32.20
N ILE A 31 -10.19 -22.92 -31.34
CA ILE A 31 -10.59 -24.29 -31.65
C ILE A 31 -9.39 -25.23 -31.66
N ASP A 32 -8.30 -24.80 -32.30
CA ASP A 32 -7.10 -25.64 -32.36
C ASP A 32 -6.28 -25.52 -31.07
N LEU A 33 -6.11 -24.31 -30.56
CA LEU A 33 -5.42 -24.08 -29.29
C LEU A 33 -6.09 -22.93 -28.55
N VAL A 34 -6.07 -23.00 -27.22
CA VAL A 34 -6.72 -22.01 -26.37
C VAL A 34 -5.67 -21.07 -25.80
N ASP A 35 -5.95 -19.79 -25.84
CA ASP A 35 -4.94 -18.81 -25.49
C ASP A 35 -4.44 -19.05 -24.06
N PRO A 36 -3.13 -19.05 -23.83
CA PRO A 36 -2.61 -19.12 -22.47
C PRO A 36 -2.67 -17.78 -21.77
N VAL A 37 -2.78 -17.82 -20.44
CA VAL A 37 -2.74 -16.62 -19.63
C VAL A 37 -1.34 -16.01 -19.65
N ASP A 38 -1.26 -14.69 -19.49
CA ASP A 38 -0.02 -14.02 -19.19
C ASP A 38 -0.28 -12.96 -18.13
N GLY A 39 0.77 -12.61 -17.37
CA GLY A 39 0.59 -11.63 -16.33
C GLY A 39 1.87 -11.34 -15.58
N VAL A 40 1.73 -10.56 -14.51
CA VAL A 40 2.84 -10.16 -13.67
C VAL A 40 2.41 -10.24 -12.21
N VAL A 41 3.29 -10.77 -11.36
CA VAL A 41 3.07 -10.81 -9.91
C VAL A 41 4.05 -9.84 -9.27
N LEU A 42 3.53 -8.95 -8.42
CA LEU A 42 4.34 -7.93 -7.77
C LEU A 42 4.53 -8.25 -6.29
N VAL A 43 5.75 -8.06 -5.80
CA VAL A 43 6.09 -8.24 -4.40
C VAL A 43 7.13 -7.21 -4.00
N ASP A 44 7.35 -7.08 -2.69
CA ASP A 44 8.38 -6.20 -2.17
C ASP A 44 9.62 -7.02 -1.83
N PRO A 45 10.58 -7.14 -2.75
CA PRO A 45 11.77 -7.94 -2.47
C PRO A 45 12.55 -7.42 -1.27
N GLU A 46 12.47 -6.11 -1.03
CA GLU A 46 13.23 -5.52 0.06
C GLU A 46 12.71 -5.95 1.43
N TYR A 47 11.44 -6.33 1.50
CA TYR A 47 10.84 -6.86 2.72
C TYR A 47 10.41 -8.31 2.57
N LEU A 48 10.51 -8.85 1.36
CA LEU A 48 10.18 -10.23 1.06
C LEU A 48 11.37 -11.11 1.42
N LYS A 49 11.36 -11.68 2.61
CA LYS A 49 12.34 -12.70 2.98
C LYS A 49 11.89 -14.10 2.58
N GLU A 50 10.59 -14.27 2.26
CA GLU A 50 10.08 -15.56 1.84
C GLU A 50 10.80 -16.07 0.60
N ARG A 51 11.27 -15.16 -0.25
CA ARG A 51 12.09 -15.44 -1.42
C ARG A 51 11.36 -16.23 -2.51
N ARG A 52 10.03 -16.34 -2.45
CA ARG A 52 9.28 -17.09 -3.45
C ARG A 52 7.92 -16.48 -3.68
N VAL A 53 7.34 -16.81 -4.85
CA VAL A 53 5.98 -16.41 -5.21
C VAL A 53 5.38 -17.49 -6.10
N TYR A 54 4.04 -17.58 -6.07
CA TYR A 54 3.30 -18.56 -6.88
C TYR A 54 2.14 -17.91 -7.62
N VAL A 55 1.92 -18.37 -8.86
CA VAL A 55 0.65 -18.25 -9.56
C VAL A 55 0.06 -19.64 -9.70
N THR A 56 -1.23 -19.79 -9.41
CA THR A 56 -1.95 -21.02 -9.73
C THR A 56 -3.13 -20.68 -10.64
N LEU A 57 -3.21 -21.35 -11.79
CA LEU A 57 -4.32 -21.20 -12.70
C LEU A 57 -5.19 -22.45 -12.59
N THR A 58 -6.46 -22.27 -12.23
CA THR A 58 -7.31 -23.40 -11.90
C THR A 58 -8.69 -23.24 -12.53
N CYS A 59 -9.16 -24.32 -13.15
CA CYS A 59 -10.57 -24.46 -13.50
C CYS A 59 -11.30 -25.03 -12.31
N ALA A 60 -12.37 -24.38 -11.90
CA ALA A 60 -13.05 -24.71 -10.65
C ALA A 60 -14.55 -24.82 -10.92
N PHE A 61 -15.08 -26.05 -10.84
CA PHE A 61 -16.51 -26.26 -10.96
C PHE A 61 -17.16 -26.10 -9.60
N ARG A 62 -17.85 -24.99 -9.39
CA ARG A 62 -18.70 -24.84 -8.24
C ARG A 62 -20.07 -25.44 -8.55
N LYS A 77 -15.28 -28.37 -6.90
CA LYS A 77 -14.29 -29.33 -7.41
C LYS A 77 -13.42 -28.65 -8.44
N ASP A 78 -12.12 -28.58 -8.17
CA ASP A 78 -11.16 -28.12 -9.15
C ASP A 78 -10.97 -29.18 -10.23
N LEU A 79 -10.47 -28.73 -11.38
CA LEU A 79 -10.14 -29.63 -12.48
C LEU A 79 -8.66 -29.48 -12.82
N PHE A 80 -8.36 -28.94 -14.00
CA PHE A 80 -6.97 -28.66 -14.35
C PHE A 80 -6.41 -27.64 -13.37
N VAL A 81 -5.27 -27.97 -12.76
CA VAL A 81 -4.60 -27.09 -11.81
C VAL A 81 -3.12 -27.04 -12.18
N ALA A 82 -2.55 -25.84 -12.17
CA ALA A 82 -1.15 -25.66 -12.54
C ALA A 82 -0.49 -24.62 -11.65
N ASN A 83 0.78 -24.86 -11.32
CA ASN A 83 1.55 -23.98 -10.46
C ASN A 83 2.73 -23.40 -11.23
N VAL A 84 2.83 -22.07 -11.22
CA VAL A 84 3.95 -21.34 -11.82
C VAL A 84 4.41 -20.30 -10.81
N GLN A 85 5.67 -19.86 -10.96
CA GLN A 85 6.29 -18.93 -10.02
C GLN A 85 7.24 -18.00 -10.78
N SER A 86 6.86 -16.73 -10.90
CA SER A 86 7.74 -15.78 -11.58
C SER A 86 8.94 -15.39 -10.72
N PHE A 87 8.90 -15.63 -9.41
CA PHE A 87 9.96 -15.18 -8.53
C PHE A 87 10.32 -16.26 -7.51
N PRO A 88 11.62 -16.48 -7.26
CA PRO A 88 12.77 -15.85 -7.92
C PRO A 88 12.94 -16.49 -9.28
N PRO A 89 13.36 -15.75 -10.31
CA PRO A 89 13.32 -16.31 -11.66
C PRO A 89 14.07 -17.64 -11.76
N ALA A 90 13.34 -18.71 -12.01
CA ALA A 90 13.94 -20.01 -12.24
C ALA A 90 14.33 -20.11 -13.72
N PRO A 91 15.62 -20.24 -14.03
CA PRO A 91 15.98 -20.30 -15.46
C PRO A 91 15.35 -21.46 -16.19
N GLU A 92 14.98 -22.53 -15.49
CA GLU A 92 14.33 -23.65 -16.13
C GLU A 92 12.87 -23.36 -16.46
N ASP A 93 12.30 -22.29 -15.91
CA ASP A 93 10.90 -21.93 -16.11
C ASP A 93 10.74 -20.81 -17.13
N LYS A 94 11.79 -20.46 -17.86
CA LYS A 94 11.72 -19.35 -18.80
C LYS A 94 10.89 -19.70 -20.02
N LYS A 95 9.77 -18.99 -20.19
CA LYS A 95 9.12 -18.87 -21.49
C LYS A 95 9.27 -17.44 -21.98
N PRO A 96 9.50 -17.23 -23.27
CA PRO A 96 9.74 -15.85 -23.75
C PRO A 96 8.55 -14.95 -23.46
N LEU A 97 8.85 -13.69 -23.14
CA LEU A 97 7.81 -12.77 -22.74
C LEU A 97 6.85 -12.48 -23.90
N THR A 98 5.56 -12.43 -23.59
CA THR A 98 4.59 -11.90 -24.52
C THR A 98 4.76 -10.38 -24.63
N ARG A 99 4.36 -9.83 -25.77
CA ARG A 99 4.55 -8.40 -25.97
C ARG A 99 3.87 -7.60 -24.87
N LEU A 100 2.70 -8.06 -24.41
CA LEU A 100 2.03 -7.40 -23.30
C LEU A 100 2.78 -7.60 -22.00
N GLN A 101 3.29 -8.81 -21.76
CA GLN A 101 4.03 -9.07 -20.54
C GLN A 101 5.28 -8.20 -20.45
N GLU A 102 6.02 -8.08 -21.55
CA GLU A 102 7.20 -7.21 -21.55
C GLU A 102 6.79 -5.75 -21.46
N ARG A 103 5.70 -5.36 -22.11
CA ARG A 103 5.22 -3.99 -21.98
C ARG A 103 4.89 -3.67 -20.52
N LEU A 104 4.42 -4.67 -19.78
CA LEU A 104 4.17 -4.48 -18.35
C LEU A 104 5.47 -4.36 -17.57
N ILE A 105 6.35 -5.36 -17.71
CA ILE A 105 7.58 -5.37 -16.92
C ILE A 105 8.37 -4.10 -17.15
N LYS A 106 8.55 -3.71 -18.42
CA LYS A 106 9.33 -2.52 -18.73
C LYS A 106 8.74 -1.28 -18.09
N LYS A 107 7.46 -1.32 -17.72
CA LYS A 107 6.84 -0.22 -17.00
C LYS A 107 6.99 -0.36 -15.49
N LEU A 108 7.08 -1.60 -15.00
CA LEU A 108 7.16 -1.82 -13.56
C LEU A 108 8.58 -1.75 -13.02
N GLY A 109 9.58 -2.13 -13.82
CA GLY A 109 10.95 -2.10 -13.35
C GLY A 109 11.42 -3.39 -12.70
N GLU A 110 12.60 -3.30 -12.09
CA GLU A 110 13.33 -4.46 -11.62
C GLU A 110 12.59 -5.25 -10.54
N HIS A 111 11.60 -4.67 -9.88
CA HIS A 111 10.90 -5.37 -8.82
C HIS A 111 9.76 -6.24 -9.33
N ALA A 112 9.51 -6.26 -10.64
CA ALA A 112 8.40 -6.99 -11.22
C ALA A 112 8.92 -8.10 -12.13
N TYR A 113 8.18 -9.21 -12.17
CA TYR A 113 8.62 -10.43 -12.82
C TYR A 113 7.45 -11.11 -13.54
N PRO A 114 7.60 -11.46 -14.81
CA PRO A 114 6.45 -11.95 -15.58
C PRO A 114 6.15 -13.42 -15.33
N PHE A 115 4.95 -13.82 -15.75
CA PHE A 115 4.59 -15.23 -15.85
C PHE A 115 3.68 -15.43 -17.05
N THR A 116 3.59 -16.67 -17.49
CA THR A 116 2.70 -17.06 -18.58
C THR A 116 2.44 -18.55 -18.44
N PHE A 117 1.27 -18.98 -18.91
CA PHE A 117 0.80 -20.35 -18.72
C PHE A 117 0.59 -21.05 -20.07
N GLU A 118 0.01 -22.25 -20.02
CA GLU A 118 -0.37 -23.03 -21.20
C GLU A 118 -1.64 -23.79 -20.81
N ILE A 119 -2.79 -23.19 -21.10
CA ILE A 119 -4.06 -23.83 -20.81
C ILE A 119 -4.27 -24.95 -21.82
N PRO A 120 -4.40 -26.21 -21.40
CA PRO A 120 -4.59 -27.27 -22.37
C PRO A 120 -5.98 -27.19 -22.95
N PRO A 121 -6.14 -27.46 -24.25
CA PRO A 121 -7.49 -27.71 -24.76
C PRO A 121 -8.08 -28.92 -24.05
N ASN A 122 -9.34 -29.20 -24.33
CA ASN A 122 -10.17 -30.11 -23.56
C ASN A 122 -10.78 -29.41 -22.35
N LEU A 123 -10.54 -28.11 -22.15
CA LEU A 123 -11.07 -27.42 -20.99
C LEU A 123 -12.15 -26.41 -21.39
N PRO A 124 -13.35 -26.54 -20.84
CA PRO A 124 -14.47 -25.69 -21.27
C PRO A 124 -14.20 -24.21 -21.11
N CYS A 125 -15.12 -23.43 -21.67
CA CYS A 125 -15.24 -22.00 -21.42
C CYS A 125 -15.89 -21.78 -20.05
N SER A 126 -15.93 -20.52 -19.64
CA SER A 126 -16.66 -20.17 -18.42
C SER A 126 -18.14 -20.05 -18.75
N VAL A 127 -18.91 -21.06 -18.39
CA VAL A 127 -20.36 -21.05 -18.46
C VAL A 127 -20.91 -21.44 -17.10
N THR A 128 -22.08 -20.91 -16.75
CA THR A 128 -22.57 -20.98 -15.38
C THR A 128 -24.03 -21.38 -15.36
N LEU A 129 -24.50 -21.74 -14.17
CA LEU A 129 -25.87 -22.20 -13.93
C LEU A 129 -26.73 -21.07 -13.39
N GLN A 130 -28.00 -21.05 -13.80
CA GLN A 130 -28.92 -19.98 -13.42
C GLN A 130 -29.29 -20.05 -11.93
N PRO A 131 -28.97 -19.03 -11.14
CA PRO A 131 -29.40 -19.03 -9.73
C PRO A 131 -30.92 -18.98 -9.59
N LYS A 138 -21.34 -17.53 -4.80
CA LYS A 138 -20.64 -17.46 -6.07
C LYS A 138 -21.27 -18.41 -7.08
N ALA A 139 -21.41 -17.93 -8.32
CA ALA A 139 -22.15 -18.68 -9.34
C ALA A 139 -21.58 -20.09 -9.49
N CYS A 140 -22.47 -21.08 -9.39
CA CYS A 140 -22.05 -22.46 -9.63
C CYS A 140 -21.80 -22.70 -11.12
N GLY A 141 -21.01 -23.73 -11.39
CA GLY A 141 -20.40 -23.93 -12.69
C GLY A 141 -18.89 -23.73 -12.63
N VAL A 142 -18.25 -23.95 -13.78
CA VAL A 142 -16.80 -23.86 -13.85
C VAL A 142 -16.35 -22.45 -13.54
N ASP A 143 -15.13 -22.31 -13.01
CA ASP A 143 -14.51 -21.01 -12.83
C ASP A 143 -13.00 -21.09 -13.08
N TYR A 144 -12.49 -20.13 -13.82
CA TYR A 144 -11.06 -19.88 -13.92
C TYR A 144 -10.68 -18.86 -12.87
N GLU A 145 -9.77 -19.24 -11.97
CA GLU A 145 -9.48 -18.47 -10.76
C GLU A 145 -7.97 -18.32 -10.61
N VAL A 146 -7.43 -17.24 -11.16
CA VAL A 146 -6.00 -16.94 -11.07
C VAL A 146 -5.68 -16.52 -9.65
N LYS A 147 -5.05 -17.42 -8.88
CA LYS A 147 -4.68 -17.15 -7.50
C LYS A 147 -3.18 -16.93 -7.43
N ALA A 148 -2.76 -15.70 -7.13
CA ALA A 148 -1.37 -15.40 -6.86
C ALA A 148 -1.16 -15.27 -5.36
N PHE A 149 -0.15 -15.95 -4.84
CA PHE A 149 0.09 -15.99 -3.40
C PHE A 149 1.58 -16.16 -3.14
N CYS A 150 1.99 -15.82 -1.91
CA CYS A 150 3.38 -15.88 -1.51
C CYS A 150 3.58 -16.96 -0.46
N ALA A 151 4.74 -17.60 -0.51
CA ALA A 151 5.10 -18.68 0.40
C ALA A 151 6.53 -19.09 0.10
N GLU A 152 7.19 -19.66 1.11
CA GLU A 152 8.51 -20.21 0.86
C GLU A 152 8.44 -21.50 0.06
N ASN A 153 7.39 -22.30 0.26
CA ASN A 153 7.19 -23.52 -0.50
C ASN A 153 5.69 -23.79 -0.58
N LEU A 154 5.31 -24.70 -1.49
CA LEU A 154 3.90 -25.02 -1.66
C LEU A 154 3.28 -25.61 -0.40
N GLU A 155 4.09 -26.12 0.52
CA GLU A 155 3.56 -26.92 1.61
C GLU A 155 2.67 -26.07 2.53
N GLU A 156 3.12 -24.88 2.91
CA GLU A 156 2.39 -24.09 3.88
C GLU A 156 1.05 -23.63 3.33
N LYS A 157 0.08 -23.52 4.24
CA LYS A 157 -1.23 -23.00 3.87
C LYS A 157 -1.12 -21.53 3.47
N ILE A 158 -1.97 -21.12 2.53
CA ILE A 158 -1.93 -19.76 2.00
C ILE A 158 -2.61 -18.83 2.99
N HIS A 159 -1.92 -17.76 3.38
CA HIS A 159 -2.50 -16.82 4.32
C HIS A 159 -3.44 -15.85 3.61
N LYS A 160 -4.54 -15.51 4.29
CA LYS A 160 -5.54 -14.62 3.71
C LYS A 160 -4.95 -13.26 3.37
N ARG A 161 -4.09 -12.73 4.23
CA ARG A 161 -3.47 -11.43 4.01
C ARG A 161 -2.39 -11.45 2.92
N ASN A 162 -2.18 -12.60 2.27
CA ASN A 162 -0.99 -12.80 1.45
C ASN A 162 -1.30 -13.29 0.05
N SER A 163 -2.49 -13.02 -0.50
CA SER A 163 -2.87 -13.59 -1.79
C SER A 163 -3.84 -12.66 -2.52
N VAL A 164 -4.02 -12.93 -3.83
CA VAL A 164 -5.00 -12.25 -4.65
C VAL A 164 -5.73 -13.31 -5.47
N ARG A 165 -6.97 -12.98 -5.92
CA ARG A 165 -7.83 -13.96 -6.58
C ARG A 165 -8.58 -13.30 -7.75
N LEU A 166 -7.97 -13.35 -8.94
CA LEU A 166 -8.62 -12.86 -10.16
C LEU A 166 -9.43 -13.96 -10.83
N VAL A 167 -10.70 -13.67 -11.14
CA VAL A 167 -11.50 -14.56 -11.96
C VAL A 167 -11.45 -14.11 -13.41
N ILE A 168 -11.59 -15.08 -14.33
CA ILE A 168 -11.41 -14.90 -15.76
C ILE A 168 -12.26 -15.93 -16.50
N ARG A 169 -12.34 -15.80 -17.83
CA ARG A 169 -13.07 -16.73 -18.67
C ARG A 169 -12.27 -17.17 -19.89
N LYS A 170 -12.32 -18.46 -20.19
CA LYS A 170 -12.10 -18.93 -21.55
C LYS A 170 -13.40 -18.77 -22.32
N VAL A 171 -13.32 -18.24 -23.54
CA VAL A 171 -14.52 -17.90 -24.31
C VAL A 171 -14.40 -18.45 -25.72
N GLN A 172 -15.56 -18.63 -26.37
CA GLN A 172 -15.69 -19.38 -27.61
C GLN A 172 -16.59 -18.60 -28.56
N TYR A 173 -16.27 -18.63 -29.84
CA TYR A 173 -16.97 -17.78 -30.80
C TYR A 173 -17.26 -18.52 -32.10
N ALA A 174 -18.07 -17.88 -32.93
CA ALA A 174 -18.64 -18.49 -34.13
C ALA A 174 -17.54 -18.91 -35.10
N PRO A 175 -17.66 -20.07 -35.75
CA PRO A 175 -16.87 -20.32 -36.97
C PRO A 175 -17.19 -19.29 -38.04
N GLU A 176 -16.18 -18.55 -38.48
CA GLU A 176 -16.43 -17.45 -39.39
C GLU A 176 -16.93 -17.94 -40.75
N ARG A 177 -16.52 -19.12 -41.17
CA ARG A 177 -17.06 -19.68 -42.41
C ARG A 177 -18.48 -20.15 -42.14
N PRO A 178 -19.50 -19.61 -42.83
CA PRO A 178 -20.88 -20.00 -42.50
C PRO A 178 -21.13 -21.49 -42.71
N GLY A 179 -21.43 -22.20 -41.62
CA GLY A 179 -21.73 -23.61 -41.71
C GLY A 179 -22.85 -23.87 -42.71
N PRO A 180 -22.62 -24.74 -43.69
CA PRO A 180 -23.61 -24.89 -44.75
C PRO A 180 -24.94 -25.43 -44.25
N GLN A 181 -26.00 -25.02 -44.94
CA GLN A 181 -27.38 -25.13 -44.47
C GLN A 181 -27.70 -26.48 -43.82
N PRO A 182 -27.98 -26.51 -42.52
CA PRO A 182 -28.55 -27.72 -41.92
C PRO A 182 -30.01 -27.89 -42.31
N THR A 183 -30.46 -29.14 -42.31
CA THR A 183 -31.84 -29.43 -42.69
C THR A 183 -32.18 -30.85 -42.27
N ALA A 184 -33.46 -31.09 -41.98
CA ALA A 184 -33.95 -32.38 -41.53
C ALA A 184 -35.27 -32.71 -42.21
N GLU A 185 -35.69 -33.96 -42.09
CA GLU A 185 -36.94 -34.42 -42.67
C GLU A 185 -37.37 -35.69 -41.98
N THR A 186 -38.65 -36.05 -42.13
CA THR A 186 -39.11 -37.36 -41.69
C THR A 186 -40.51 -37.62 -42.24
N THR A 187 -40.69 -38.70 -42.99
CA THR A 187 -42.01 -39.22 -43.29
C THR A 187 -42.45 -40.14 -42.16
N ARG A 188 -43.60 -39.84 -41.55
CA ARG A 188 -44.09 -40.60 -40.39
C ARG A 188 -45.44 -41.21 -40.75
N GLN A 189 -45.43 -42.48 -41.16
CA GLN A 189 -46.67 -43.15 -41.52
C GLN A 189 -47.53 -43.45 -40.30
N PHE A 190 -48.84 -43.33 -40.46
CA PHE A 190 -49.79 -44.01 -39.60
C PHE A 190 -50.14 -45.37 -40.18
N SER A 193 -53.33 -44.72 -42.79
CA SER A 193 -53.21 -43.95 -44.03
C SER A 193 -51.99 -44.43 -44.79
N ASP A 194 -52.21 -45.14 -45.90
CA ASP A 194 -51.08 -45.53 -46.73
C ASP A 194 -50.38 -44.30 -47.29
N LYS A 195 -51.13 -43.24 -47.56
CA LYS A 195 -50.52 -42.00 -47.99
C LYS A 195 -49.61 -41.45 -46.89
N PRO A 196 -48.54 -40.76 -47.25
CA PRO A 196 -47.57 -40.30 -46.25
C PRO A 196 -47.94 -38.98 -45.60
N LEU A 197 -47.53 -38.85 -44.33
CA LEU A 197 -47.38 -37.57 -43.67
C LEU A 197 -45.90 -37.28 -43.58
N HIS A 198 -45.48 -36.10 -44.05
CA HIS A 198 -44.07 -35.82 -44.23
C HIS A 198 -43.82 -34.35 -43.94
N LEU A 199 -42.62 -34.05 -43.42
CA LEU A 199 -42.26 -32.69 -43.08
C LEU A 199 -40.78 -32.45 -43.35
N GLU A 200 -40.45 -31.17 -43.54
CA GLU A 200 -39.08 -30.69 -43.70
C GLU A 200 -38.81 -29.56 -42.72
N ALA A 201 -37.59 -29.53 -42.19
CA ALA A 201 -37.10 -28.41 -41.38
C ALA A 201 -35.86 -27.83 -42.04
N SER A 202 -35.94 -26.58 -42.48
CA SER A 202 -34.82 -25.88 -43.10
C SER A 202 -34.62 -24.54 -42.42
N LEU A 203 -33.38 -24.25 -42.02
CA LEU A 203 -33.07 -23.02 -41.31
C LEU A 203 -31.81 -22.40 -41.91
N ASP A 204 -31.70 -21.07 -41.79
CA ASP A 204 -30.66 -20.35 -42.53
C ASP A 204 -29.26 -20.90 -42.27
N LYS A 205 -28.92 -21.13 -41.00
CA LYS A 205 -27.60 -21.67 -40.68
C LYS A 205 -27.60 -22.24 -39.27
N GLU A 206 -26.61 -23.11 -39.02
CA GLU A 206 -26.46 -23.76 -37.72
C GLU A 206 -25.90 -22.80 -36.68
N ILE A 207 -24.95 -21.97 -37.06
CA ILE A 207 -24.35 -20.99 -36.15
C ILE A 207 -25.21 -19.74 -36.16
N TYR A 208 -25.76 -19.40 -35.01
CA TYR A 208 -26.63 -18.24 -34.84
C TYR A 208 -26.03 -17.25 -33.84
N TYR A 209 -26.49 -16.02 -33.94
CA TYR A 209 -26.07 -14.95 -33.05
C TYR A 209 -27.15 -14.70 -32.01
N HIS A 210 -26.75 -14.59 -30.74
CA HIS A 210 -27.70 -14.40 -29.65
C HIS A 210 -28.54 -13.17 -29.87
N GLY A 211 -29.86 -13.35 -29.88
CA GLY A 211 -30.80 -12.27 -30.12
C GLY A 211 -31.24 -12.14 -31.57
N GLU A 212 -30.53 -12.78 -32.50
CA GLU A 212 -30.95 -12.75 -33.88
C GLU A 212 -32.31 -13.42 -34.02
N PRO A 213 -33.20 -12.89 -34.86
CA PRO A 213 -34.49 -13.56 -35.08
C PRO A 213 -34.32 -14.85 -35.87
N ILE A 214 -34.75 -15.96 -35.27
CA ILE A 214 -34.67 -17.26 -35.92
C ILE A 214 -35.84 -17.40 -36.90
N SER A 215 -35.52 -17.67 -38.17
CA SER A 215 -36.53 -17.88 -39.22
C SER A 215 -36.74 -19.38 -39.40
N VAL A 216 -37.81 -19.91 -38.80
CA VAL A 216 -38.12 -21.34 -38.88
C VAL A 216 -38.94 -21.63 -40.14
N ASN A 217 -38.25 -21.91 -41.24
CA ASN A 217 -38.90 -22.07 -42.55
C ASN A 217 -39.26 -23.54 -42.81
N VAL A 218 -40.25 -24.03 -42.05
CA VAL A 218 -40.63 -25.43 -42.10
C VAL A 218 -41.68 -25.67 -43.17
N HIS A 219 -41.81 -26.92 -43.61
CA HIS A 219 -42.86 -27.35 -44.55
C HIS A 219 -43.35 -28.74 -44.16
N VAL A 220 -44.64 -29.00 -44.40
CA VAL A 220 -45.25 -30.29 -44.10
C VAL A 220 -46.16 -30.72 -45.24
N THR A 221 -46.06 -32.00 -45.62
CA THR A 221 -46.94 -32.59 -46.64
C THR A 221 -47.79 -33.67 -45.97
N ASN A 222 -49.09 -33.45 -45.88
CA ASN A 222 -49.99 -34.35 -45.18
C ASN A 222 -50.99 -34.90 -46.21
N ASN A 223 -50.63 -36.04 -46.80
CA ASN A 223 -51.54 -36.75 -47.68
C ASN A 223 -52.52 -37.63 -46.91
N THR A 224 -52.29 -37.84 -45.61
CA THR A 224 -53.00 -38.83 -44.82
C THR A 224 -54.45 -38.43 -44.56
N ASN A 225 -55.21 -39.37 -44.01
CA ASN A 225 -56.63 -39.19 -43.69
C ASN A 225 -56.86 -38.61 -42.29
N LYS A 226 -55.82 -38.13 -41.62
CA LYS A 226 -55.92 -37.61 -40.27
C LYS A 226 -55.52 -36.14 -40.23
N THR A 227 -56.10 -35.42 -39.26
CA THR A 227 -55.87 -33.99 -39.11
C THR A 227 -54.82 -33.71 -38.04
N VAL A 228 -54.36 -32.47 -37.99
CA VAL A 228 -53.45 -31.98 -36.96
C VAL A 228 -54.06 -30.74 -36.34
N LYS A 229 -53.98 -30.63 -35.03
CA LYS A 229 -54.52 -29.48 -34.31
C LYS A 229 -53.51 -28.35 -34.21
N LYS A 230 -52.37 -28.62 -33.58
CA LYS A 230 -51.35 -27.61 -33.29
C LYS A 230 -49.99 -28.05 -33.79
N ILE A 231 -49.20 -27.08 -34.27
CA ILE A 231 -47.80 -27.30 -34.61
C ILE A 231 -46.97 -26.53 -33.59
N LYS A 232 -46.02 -27.24 -32.95
CA LYS A 232 -45.35 -26.77 -31.75
C LYS A 232 -43.92 -26.35 -32.09
N ILE A 233 -43.66 -25.05 -32.09
CA ILE A 233 -42.36 -24.50 -32.45
C ILE A 233 -41.66 -24.08 -31.15
N SER A 234 -40.46 -24.62 -30.91
CA SER A 234 -39.76 -24.35 -29.65
C SER A 234 -38.27 -24.61 -29.81
N VAL A 235 -37.51 -24.21 -28.79
CA VAL A 235 -36.07 -24.45 -28.70
C VAL A 235 -35.77 -25.05 -27.33
N ARG A 236 -34.84 -25.99 -27.29
CA ARG A 236 -34.41 -26.59 -26.03
C ARG A 236 -32.89 -26.58 -25.92
N GLN A 237 -32.39 -26.30 -24.71
CA GLN A 237 -30.96 -26.25 -24.42
C GLN A 237 -30.51 -27.52 -23.71
N TYR A 238 -29.85 -28.40 -24.44
CA TYR A 238 -29.19 -29.56 -23.85
C TYR A 238 -27.99 -29.09 -23.02
N ALA A 239 -27.61 -29.88 -22.02
CA ALA A 239 -26.51 -29.51 -21.13
C ALA A 239 -25.69 -30.75 -20.76
N ASP A 240 -24.57 -30.95 -21.46
CA ASP A 240 -23.67 -32.04 -21.14
C ASP A 240 -22.74 -31.64 -20.01
N ILE A 241 -22.54 -32.55 -19.06
CA ILE A 241 -21.64 -32.33 -17.93
C ILE A 241 -20.95 -33.65 -17.61
N CYS A 242 -19.66 -33.59 -17.27
CA CYS A 242 -18.90 -34.74 -16.81
C CYS A 242 -18.24 -34.38 -15.50
N LEU A 243 -18.91 -34.65 -14.37
CA LEU A 243 -18.31 -34.44 -13.05
C LEU A 243 -18.32 -35.70 -12.19
N PHE A 244 -19.52 -36.23 -11.91
CA PHE A 244 -19.62 -37.52 -11.24
C PHE A 244 -19.67 -38.65 -12.26
N ASN A 245 -20.43 -38.44 -13.33
CA ASN A 245 -20.40 -39.26 -14.52
C ASN A 245 -20.74 -38.33 -15.68
N THR A 246 -20.94 -38.89 -16.86
CA THR A 246 -21.57 -38.11 -17.92
C THR A 246 -23.04 -37.92 -17.60
N ALA A 247 -23.49 -36.67 -17.60
CA ALA A 247 -24.85 -36.34 -17.20
C ALA A 247 -25.42 -35.29 -18.15
N GLN A 248 -26.75 -35.25 -18.23
CA GLN A 248 -27.45 -34.48 -19.24
C GLN A 248 -28.75 -33.90 -18.67
N TYR A 249 -29.12 -32.73 -19.18
CA TYR A 249 -30.42 -32.14 -18.89
C TYR A 249 -30.69 -31.06 -19.93
N LYS A 250 -31.95 -30.63 -20.00
CA LYS A 250 -32.37 -29.67 -21.02
C LYS A 250 -33.44 -28.74 -20.48
N CYS A 251 -33.55 -27.55 -21.11
CA CYS A 251 -34.51 -26.51 -20.70
C CYS A 251 -35.03 -25.72 -21.90
N PRO A 252 -36.35 -25.59 -22.07
CA PRO A 252 -36.86 -24.75 -23.17
C PRO A 252 -36.54 -23.28 -22.94
N VAL A 253 -36.05 -22.63 -23.98
CA VAL A 253 -35.68 -21.22 -23.91
C VAL A 253 -36.23 -20.42 -25.08
N ALA A 254 -37.15 -21.00 -25.85
CA ALA A 254 -37.92 -20.25 -26.82
C ALA A 254 -39.14 -21.08 -27.18
N MET A 255 -40.23 -20.41 -27.57
CA MET A 255 -41.51 -21.11 -27.65
C MET A 255 -42.49 -20.33 -28.50
N GLU A 256 -43.18 -21.04 -29.40
CA GLU A 256 -44.40 -20.55 -30.03
C GLU A 256 -45.26 -21.74 -30.41
N GLU A 257 -46.49 -21.77 -29.92
CA GLU A 257 -47.46 -22.79 -30.30
C GLU A 257 -48.53 -22.19 -31.18
N ALA A 258 -48.77 -22.81 -32.33
CA ALA A 258 -49.74 -22.35 -33.29
C ALA A 258 -50.87 -23.37 -33.39
N ASP A 259 -52.10 -22.88 -33.45
CA ASP A 259 -53.27 -23.75 -33.61
C ASP A 259 -53.46 -24.14 -35.07
N ASP A 260 -52.41 -23.96 -35.89
CA ASP A 260 -52.51 -24.10 -37.34
C ASP A 260 -52.76 -25.55 -37.71
N THR A 261 -54.02 -25.87 -38.04
CA THR A 261 -54.37 -27.18 -38.54
C THR A 261 -53.87 -27.38 -39.97
N VAL A 262 -53.35 -28.57 -40.26
CA VAL A 262 -53.17 -29.04 -41.64
C VAL A 262 -54.14 -30.19 -41.85
N ALA A 263 -55.07 -30.02 -42.78
CA ALA A 263 -56.16 -30.97 -42.95
C ALA A 263 -55.67 -32.25 -43.63
N PRO A 264 -56.44 -33.34 -43.52
CA PRO A 264 -56.06 -34.57 -44.23
C PRO A 264 -55.90 -34.30 -45.72
N SER A 265 -54.91 -34.96 -46.32
CA SER A 265 -54.63 -34.81 -47.74
C SER A 265 -54.41 -33.34 -48.10
N SER A 266 -53.60 -32.66 -47.29
CA SER A 266 -53.30 -31.25 -47.52
C SER A 266 -51.85 -30.95 -47.15
N THR A 267 -51.33 -29.87 -47.73
CA THR A 267 -49.94 -29.47 -47.58
C THR A 267 -49.86 -28.03 -47.11
N PHE A 268 -48.78 -27.70 -46.39
CA PHE A 268 -48.71 -26.42 -45.69
C PHE A 268 -47.26 -25.97 -45.55
N CYS A 269 -47.07 -24.65 -45.59
CA CYS A 269 -45.81 -24.01 -45.25
C CYS A 269 -46.09 -22.70 -44.53
N LYS A 270 -45.23 -22.38 -43.57
CA LYS A 270 -45.27 -21.08 -42.91
C LYS A 270 -43.93 -20.82 -42.23
N VAL A 271 -43.36 -19.65 -42.50
CA VAL A 271 -42.08 -19.27 -41.89
C VAL A 271 -42.34 -18.71 -40.50
N TYR A 272 -42.31 -19.57 -39.49
CA TYR A 272 -42.40 -19.10 -38.12
C TYR A 272 -41.10 -18.40 -37.71
N THR A 273 -41.19 -17.63 -36.63
CA THR A 273 -40.06 -16.86 -36.13
C THR A 273 -39.95 -17.00 -34.62
N LEU A 274 -38.73 -17.12 -34.12
CA LEU A 274 -38.47 -17.23 -32.69
C LEU A 274 -37.13 -16.60 -32.34
N THR A 275 -36.92 -16.36 -31.05
CA THR A 275 -35.63 -15.99 -30.51
C THR A 275 -35.59 -16.44 -29.06
N PRO A 276 -34.42 -16.82 -28.54
CA PRO A 276 -34.35 -17.16 -27.11
C PRO A 276 -33.96 -15.98 -26.24
N PHE A 277 -34.61 -15.82 -25.08
CA PHE A 277 -34.26 -14.78 -24.13
C PHE A 277 -34.50 -15.26 -22.71
N LEU A 278 -33.60 -14.86 -21.80
CA LEU A 278 -33.56 -15.43 -20.45
C LEU A 278 -34.75 -14.99 -19.60
N ALA A 279 -35.40 -13.87 -19.93
CA ALA A 279 -36.36 -13.28 -19.02
C ALA A 279 -37.47 -14.25 -18.67
N ASN A 280 -38.01 -14.94 -19.66
CA ASN A 280 -39.12 -15.86 -19.46
C ASN A 280 -38.67 -17.20 -18.87
N ASN A 281 -37.42 -17.26 -18.41
CA ASN A 281 -36.89 -18.44 -17.73
C ASN A 281 -36.24 -18.07 -16.41
N ARG A 282 -36.39 -16.82 -15.96
CA ARG A 282 -35.70 -16.37 -14.77
C ARG A 282 -36.00 -17.28 -13.58
N GLU A 283 -37.18 -17.90 -13.59
CA GLU A 283 -37.58 -18.79 -12.51
C GLU A 283 -37.09 -20.23 -12.74
N LYS A 284 -36.58 -20.54 -13.93
CA LYS A 284 -36.17 -21.90 -14.27
C LYS A 284 -34.71 -22.09 -13.88
N ARG A 285 -34.52 -22.41 -12.60
CA ARG A 285 -33.19 -22.67 -12.05
C ARG A 285 -32.49 -23.79 -12.82
N GLY A 286 -31.19 -23.62 -13.02
CA GLY A 286 -30.37 -24.61 -13.70
C GLY A 286 -30.07 -24.29 -15.15
N LEU A 287 -30.83 -23.41 -15.78
CA LEU A 287 -30.52 -23.00 -17.15
C LEU A 287 -29.16 -22.34 -17.20
N ALA A 288 -28.42 -22.62 -18.25
CA ALA A 288 -27.02 -22.20 -18.32
C ALA A 288 -26.88 -20.77 -18.83
N LEU A 289 -25.96 -20.04 -18.22
CA LEU A 289 -25.50 -18.74 -18.69
C LEU A 289 -24.01 -18.80 -18.97
N ASP A 290 -23.52 -17.83 -19.73
CA ASP A 290 -22.09 -17.61 -19.79
C ASP A 290 -21.60 -17.04 -18.48
N GLY A 291 -20.31 -17.21 -18.21
CA GLY A 291 -19.83 -17.15 -16.85
C GLY A 291 -20.11 -15.81 -16.18
N LYS A 292 -20.71 -15.86 -14.99
CA LYS A 292 -20.79 -14.67 -14.15
C LYS A 292 -19.42 -14.33 -13.60
N LEU A 293 -18.94 -13.12 -13.90
CA LEU A 293 -17.67 -12.67 -13.33
C LEU A 293 -17.79 -12.65 -11.81
N LYS A 294 -18.69 -11.80 -11.29
CA LYS A 294 -18.96 -11.74 -9.81
C LYS A 294 -20.42 -12.13 -9.58
N HIS A 295 -21.35 -11.27 -9.99
CA HIS A 295 -22.75 -11.66 -9.94
C HIS A 295 -23.55 -11.10 -11.11
N GLU A 296 -22.99 -11.15 -12.31
CA GLU A 296 -23.61 -10.57 -13.49
C GLU A 296 -24.83 -11.39 -13.91
N ASP A 297 -25.50 -10.93 -14.95
CA ASP A 297 -26.64 -11.62 -15.55
C ASP A 297 -26.54 -11.59 -17.07
N THR A 298 -25.33 -11.81 -17.59
CA THR A 298 -25.10 -11.73 -19.02
C THR A 298 -25.86 -12.83 -19.75
N ASN A 299 -25.73 -12.85 -21.06
CA ASN A 299 -26.61 -13.64 -21.91
C ASN A 299 -26.52 -15.13 -21.59
N LEU A 300 -27.54 -15.85 -22.05
CA LEU A 300 -27.63 -17.29 -21.83
C LEU A 300 -26.35 -17.97 -22.26
N ALA A 301 -26.14 -19.19 -21.76
CA ALA A 301 -24.90 -19.91 -22.05
C ALA A 301 -24.77 -20.18 -23.53
N SER A 302 -23.64 -19.79 -24.10
CA SER A 302 -23.37 -20.09 -25.49
C SER A 302 -23.08 -21.58 -25.68
N SER A 303 -23.52 -22.11 -26.81
CA SER A 303 -23.18 -23.48 -27.17
C SER A 303 -21.71 -23.55 -27.56
N THR A 304 -21.00 -24.53 -27.04
CA THR A 304 -19.57 -24.69 -27.28
C THR A 304 -19.31 -25.67 -28.42
N LEU A 305 -18.05 -25.72 -28.84
CA LEU A 305 -17.62 -26.56 -29.94
C LEU A 305 -16.64 -27.60 -29.43
N LEU A 306 -16.85 -28.85 -29.82
CA LEU A 306 -15.92 -29.91 -29.49
C LEU A 306 -14.65 -29.79 -30.33
N ARG A 307 -13.57 -30.40 -29.84
CA ARG A 307 -12.33 -30.49 -30.58
C ARG A 307 -12.26 -31.75 -31.42
N GLU A 308 -11.52 -31.67 -32.52
CA GLU A 308 -11.35 -32.79 -33.44
C GLU A 308 -12.69 -33.28 -33.96
N GLY A 309 -12.67 -34.35 -34.75
CA GLY A 309 -13.90 -34.99 -35.15
C GLY A 309 -14.41 -36.03 -34.17
N ALA A 310 -13.54 -36.49 -33.28
CA ALA A 310 -13.90 -37.53 -32.31
C ALA A 310 -14.66 -36.91 -31.13
N ASN A 311 -15.34 -37.78 -30.39
CA ASN A 311 -16.07 -37.38 -29.18
C ASN A 311 -15.10 -37.26 -28.00
N ARG A 312 -14.12 -36.38 -28.17
CA ARG A 312 -13.06 -36.24 -27.19
C ARG A 312 -13.62 -35.87 -25.82
N GLU A 313 -12.94 -36.34 -24.77
CA GLU A 313 -13.46 -36.24 -23.41
C GLU A 313 -13.21 -34.88 -22.79
N ILE A 314 -13.78 -33.82 -23.40
CA ILE A 314 -13.67 -32.49 -22.83
C ILE A 314 -14.34 -32.44 -21.46
N LEU A 315 -13.74 -31.69 -20.54
CA LEU A 315 -14.25 -31.57 -19.18
C LEU A 315 -15.51 -30.71 -19.15
N GLY A 316 -16.07 -30.60 -17.94
CA GLY A 316 -17.10 -29.62 -17.64
C GLY A 316 -18.32 -29.68 -18.55
N ILE A 317 -18.82 -28.50 -18.91
CA ILE A 317 -20.15 -28.34 -19.48
C ILE A 317 -20.07 -28.16 -21.00
N ILE A 318 -20.85 -28.94 -21.73
CA ILE A 318 -21.17 -28.70 -23.13
C ILE A 318 -22.65 -28.46 -23.24
N VAL A 319 -23.03 -27.35 -23.85
CA VAL A 319 -24.44 -27.04 -24.07
C VAL A 319 -24.65 -26.80 -25.55
N SER A 320 -25.82 -27.19 -26.03
CA SER A 320 -26.15 -26.98 -27.44
C SER A 320 -27.66 -26.91 -27.59
N TYR A 321 -28.09 -26.38 -28.73
CA TYR A 321 -29.49 -26.15 -29.02
C TYR A 321 -29.97 -27.09 -30.12
N LYS A 322 -31.26 -27.42 -30.07
CA LYS A 322 -31.96 -27.96 -31.23
C LYS A 322 -33.33 -27.31 -31.36
N VAL A 323 -33.69 -26.94 -32.58
CA VAL A 323 -35.05 -26.45 -32.85
C VAL A 323 -35.99 -27.64 -32.93
N LYS A 324 -36.99 -27.68 -32.06
CA LYS A 324 -37.97 -28.75 -32.04
C LYS A 324 -39.28 -28.24 -32.64
N VAL A 325 -39.77 -28.94 -33.67
CA VAL A 325 -41.07 -28.68 -34.27
C VAL A 325 -41.83 -30.00 -34.32
N LYS A 326 -43.04 -30.02 -33.75
CA LYS A 326 -43.82 -31.24 -33.61
C LYS A 326 -45.27 -31.00 -34.02
N LEU A 327 -45.83 -31.96 -34.76
CA LEU A 327 -47.24 -31.95 -35.12
C LEU A 327 -47.99 -32.82 -34.10
N VAL A 328 -48.90 -32.22 -33.33
CA VAL A 328 -49.65 -32.97 -32.33
C VAL A 328 -50.76 -33.74 -33.03
N VAL A 329 -50.90 -35.03 -32.68
CA VAL A 329 -51.71 -35.95 -33.48
C VAL A 329 -53.20 -35.71 -33.24
N SER A 330 -54.01 -36.23 -34.15
CA SER A 330 -55.45 -36.36 -33.92
C SER A 330 -55.85 -37.81 -34.10
N ALA A 344 -42.24 -35.66 -35.46
CA ALA A 344 -41.38 -34.72 -34.77
C ALA A 344 -40.12 -34.44 -35.61
N VAL A 345 -39.82 -33.16 -35.80
CA VAL A 345 -38.65 -32.76 -36.57
C VAL A 345 -37.76 -31.87 -35.71
N GLU A 346 -36.45 -32.03 -35.89
CA GLU A 346 -35.46 -31.29 -35.13
C GLU A 346 -34.39 -30.80 -36.09
N LEU A 347 -33.55 -29.89 -35.60
CA LEU A 347 -32.38 -29.53 -36.37
C LEU A 347 -31.36 -28.92 -35.41
N PRO A 348 -30.12 -29.42 -35.39
CA PRO A 348 -29.13 -28.83 -34.49
C PRO A 348 -28.76 -27.43 -34.92
N PHE A 349 -28.48 -26.58 -33.95
CA PHE A 349 -27.97 -25.25 -34.22
C PHE A 349 -27.18 -24.77 -33.02
N THR A 350 -26.32 -23.79 -33.27
CA THR A 350 -25.33 -23.34 -32.30
C THR A 350 -25.51 -21.82 -32.17
N LEU A 351 -26.40 -21.41 -31.27
CA LEU A 351 -26.65 -20.01 -31.02
C LEU A 351 -25.62 -19.53 -30.02
N MET A 352 -24.56 -18.89 -30.53
CA MET A 352 -23.40 -18.51 -29.73
C MET A 352 -22.89 -17.18 -30.26
N HIS A 353 -22.21 -16.44 -29.40
CA HIS A 353 -21.90 -15.05 -29.70
C HIS A 353 -21.00 -14.94 -30.93
N PRO A 354 -21.03 -13.81 -31.63
CA PRO A 354 -20.12 -13.62 -32.75
C PRO A 354 -18.73 -13.27 -32.29
N LYS A 355 -17.76 -13.54 -33.14
CA LYS A 355 -16.37 -13.28 -32.79
C LYS A 355 -16.17 -11.78 -32.57
N PRO A 356 -15.90 -11.32 -31.35
CA PRO A 356 -15.87 -9.88 -31.09
C PRO A 356 -14.84 -9.15 -31.94
N LYS A 357 -15.23 -7.96 -32.42
CA LYS A 357 -14.30 -7.16 -33.22
C LYS A 357 -13.27 -6.47 -32.34
N GLU B 2 -12.00 -6.85 1.32
CA GLU B 2 -12.20 -5.55 0.69
C GLU B 2 -11.15 -5.21 -0.37
N GLU B 3 -10.74 -6.22 -1.15
CA GLU B 3 -9.88 -5.97 -2.30
C GLU B 3 -10.67 -5.30 -3.43
N LEU B 4 -9.95 -4.86 -4.45
CA LEU B 4 -10.55 -4.17 -5.60
C LEU B 4 -9.74 -4.45 -6.88
N ARG B 6 -9.13 -3.09 -9.84
CA ARG B 6 -9.24 -1.84 -10.59
C ARG B 6 -8.17 -1.28 -11.52
N HIS B 9 -3.42 1.04 -17.45
CA HIS B 9 -3.07 0.84 -18.85
C HIS B 9 -1.61 1.20 -19.08
N CYS B 10 -0.82 0.21 -19.50
CA CYS B 10 0.60 0.41 -19.74
C CYS B 10 0.81 1.25 -20.99
N VAL C 5 -32.99 -1.59 -43.45
CA VAL C 5 -32.70 -1.73 -42.00
C VAL C 5 -32.64 -0.34 -41.38
N GLN C 6 -33.77 0.11 -40.85
CA GLN C 6 -33.93 1.52 -40.51
C GLN C 6 -34.99 1.68 -39.46
N LEU C 7 -34.92 2.81 -38.75
CA LEU C 7 -35.78 3.12 -37.61
C LEU C 7 -36.57 4.40 -37.85
N VAL C 8 -37.82 4.40 -37.39
CA VAL C 8 -38.60 5.63 -37.29
C VAL C 8 -39.49 5.55 -36.06
N GLU C 9 -39.81 6.72 -35.53
CA GLU C 9 -40.75 6.87 -34.42
C GLU C 9 -41.85 7.82 -34.85
N SER C 10 -43.08 7.52 -34.44
CA SER C 10 -44.24 8.28 -34.90
C SER C 10 -45.25 8.45 -33.79
N GLY C 11 -46.12 9.45 -33.94
CA GLY C 11 -47.16 9.75 -32.98
C GLY C 11 -46.95 11.03 -32.20
N LEU C 14 -48.71 17.63 -30.31
CA LEU C 14 -49.06 18.64 -29.31
C LEU C 14 -50.20 18.12 -28.43
N VAL C 15 -50.08 18.35 -27.12
CA VAL C 15 -51.13 18.03 -26.17
C VAL C 15 -50.99 18.96 -24.97
N GLN C 16 -52.11 19.23 -24.31
CA GLN C 16 -52.12 20.15 -23.18
C GLN C 16 -51.34 19.57 -22.00
N PRO C 17 -50.70 20.41 -21.19
CA PRO C 17 -49.99 19.89 -20.02
C PRO C 17 -50.96 19.18 -19.09
N GLY C 18 -50.44 18.16 -18.40
CA GLY C 18 -51.27 17.19 -17.73
C GLY C 18 -51.82 16.11 -18.63
N GLY C 19 -51.65 16.24 -19.94
CA GLY C 19 -52.11 15.25 -20.90
C GLY C 19 -51.02 14.25 -21.22
N SER C 20 -51.19 13.59 -22.37
CA SER C 20 -50.30 12.50 -22.75
C SER C 20 -50.26 12.35 -24.27
N LEU C 21 -49.24 11.63 -24.73
CA LEU C 21 -49.16 11.13 -26.10
C LEU C 21 -48.54 9.74 -26.07
N ARG C 22 -48.73 9.00 -27.16
CA ARG C 22 -47.94 7.81 -27.44
C ARG C 22 -46.94 8.11 -28.53
N LEU C 23 -45.68 7.75 -28.30
CA LEU C 23 -44.68 7.67 -29.35
C LEU C 23 -44.51 6.22 -29.77
N SER C 24 -44.74 5.94 -31.04
CA SER C 24 -44.62 4.59 -31.58
C SER C 24 -43.26 4.47 -32.27
N CYS C 25 -42.45 3.51 -31.82
CA CYS C 25 -41.07 3.38 -32.26
C CYS C 25 -40.95 2.14 -33.14
N ALA C 26 -40.59 2.35 -34.40
CA ALA C 26 -40.62 1.29 -35.40
C ALA C 26 -39.26 1.12 -36.05
N ALA C 27 -38.81 -0.13 -36.12
CA ALA C 27 -37.59 -0.51 -36.84
C ALA C 27 -37.97 -1.34 -38.06
N SER C 28 -36.95 -1.68 -38.84
CA SER C 28 -37.12 -2.55 -39.99
C SER C 28 -35.81 -3.29 -40.26
N GLY C 29 -35.93 -4.45 -40.91
CA GLY C 29 -34.79 -5.23 -41.31
C GLY C 29 -34.11 -5.99 -40.19
N PHE C 30 -34.47 -5.75 -38.94
CA PHE C 30 -33.87 -6.42 -37.81
C PHE C 30 -34.85 -6.38 -36.64
N ASN C 31 -34.60 -7.22 -35.64
CA ASN C 31 -35.59 -7.46 -34.60
C ASN C 31 -35.28 -6.66 -33.33
N VAL C 32 -36.25 -6.70 -32.41
CA VAL C 32 -36.13 -5.93 -31.17
C VAL C 32 -35.24 -6.67 -30.18
N TYR C 33 -35.41 -7.98 -30.04
CA TYR C 33 -34.72 -8.71 -28.99
C TYR C 33 -33.20 -8.60 -29.09
N SER C 34 -32.68 -8.33 -30.28
CA SER C 34 -31.23 -8.18 -30.42
C SER C 34 -30.68 -7.07 -29.54
N SER C 35 -31.54 -6.23 -28.96
CA SER C 35 -31.06 -4.97 -28.43
C SER C 35 -31.97 -4.45 -27.31
N SER C 36 -31.41 -3.54 -26.52
CA SER C 36 -32.19 -2.74 -25.60
C SER C 36 -32.79 -1.56 -26.35
N ILE C 37 -33.99 -1.15 -25.93
CA ILE C 37 -34.64 0.02 -26.51
C ILE C 37 -34.58 1.18 -25.54
N HIS C 38 -34.25 2.36 -26.06
CA HIS C 38 -34.10 3.58 -25.28
C HIS C 38 -34.98 4.67 -25.90
N TRP C 39 -35.23 5.70 -25.10
CA TRP C 39 -35.64 7.01 -25.62
C TRP C 39 -34.71 8.06 -25.05
N VAL C 40 -34.56 9.17 -25.76
CA VAL C 40 -33.69 10.26 -25.33
C VAL C 40 -34.33 11.59 -25.68
N ARG C 41 -34.31 12.52 -24.73
CA ARG C 41 -34.83 13.86 -24.91
C ARG C 41 -33.83 14.74 -25.68
N GLN C 42 -34.35 15.82 -26.26
CA GLN C 42 -33.50 16.89 -26.77
C GLN C 42 -34.34 18.17 -26.84
N ALA C 43 -34.19 19.05 -25.85
CA ALA C 43 -34.81 20.36 -25.92
C ALA C 43 -34.11 21.21 -27.00
N PRO C 44 -34.86 22.06 -27.70
CA PRO C 44 -34.24 22.85 -28.77
C PRO C 44 -33.02 23.60 -28.28
N GLY C 45 -31.92 23.48 -29.02
CA GLY C 45 -30.70 24.19 -28.71
C GLY C 45 -29.92 23.67 -27.54
N LYS C 46 -30.31 22.54 -26.95
CA LYS C 46 -29.67 21.99 -25.76
C LYS C 46 -29.41 20.50 -25.94
N GLY C 47 -28.64 19.94 -25.02
CA GLY C 47 -28.23 18.56 -25.10
C GLY C 47 -29.35 17.58 -24.81
N LEU C 48 -29.02 16.29 -25.00
CA LEU C 48 -29.95 15.19 -24.81
C LEU C 48 -29.78 14.56 -23.43
N GLU C 49 -30.71 13.68 -23.09
CA GLU C 49 -30.75 13.06 -21.78
C GLU C 49 -31.53 11.75 -21.87
N TRP C 50 -30.98 10.70 -21.28
CA TRP C 50 -31.61 9.39 -21.32
C TRP C 50 -32.83 9.37 -20.40
N VAL C 51 -33.99 9.04 -20.96
CA VAL C 51 -35.25 9.10 -20.23
C VAL C 51 -35.70 7.73 -19.76
N ALA C 52 -35.79 6.76 -20.67
CA ALA C 52 -36.27 5.44 -20.33
C ALA C 52 -35.70 4.45 -21.33
N SER C 53 -35.61 3.19 -20.92
CA SER C 53 -35.09 2.17 -21.82
C SER C 53 -35.50 0.79 -21.34
N ILE C 54 -35.82 -0.07 -22.31
CA ILE C 54 -36.20 -1.45 -22.05
C ILE C 54 -35.13 -2.34 -22.66
N SER C 55 -34.43 -3.09 -21.82
CA SER C 55 -33.46 -4.08 -22.26
C SER C 55 -34.26 -5.33 -22.61
N SER C 56 -34.65 -5.41 -23.88
CA SER C 56 -35.69 -6.36 -24.25
C SER C 56 -35.29 -7.79 -23.93
N TYR C 57 -34.02 -8.14 -24.17
CA TYR C 57 -33.56 -9.48 -23.87
C TYR C 57 -33.67 -9.75 -22.37
N TYR C 58 -33.28 -8.78 -21.55
CA TYR C 58 -33.36 -8.94 -20.11
C TYR C 58 -34.79 -8.84 -19.62
N GLY C 59 -35.61 -8.04 -20.28
CA GLY C 59 -36.97 -7.80 -19.83
C GLY C 59 -37.07 -6.72 -18.77
N TYR C 60 -35.95 -6.34 -18.18
CA TYR C 60 -35.95 -5.23 -17.23
C TYR C 60 -36.00 -3.90 -17.97
N THR C 61 -36.40 -2.86 -17.25
CA THR C 61 -36.45 -1.51 -17.78
C THR C 61 -36.06 -0.52 -16.70
N TYR C 62 -35.50 0.61 -17.11
CA TYR C 62 -35.04 1.63 -16.18
C TYR C 62 -35.48 3.00 -16.66
N TYR C 63 -35.58 3.93 -15.72
CA TYR C 63 -36.04 5.29 -15.99
C TYR C 63 -35.11 6.29 -15.34
N ALA C 64 -35.13 7.52 -15.85
CA ALA C 64 -34.29 8.60 -15.35
C ALA C 64 -35.00 9.41 -14.28
N ASP C 65 -34.21 10.23 -13.58
CA ASP C 65 -34.76 11.08 -12.52
C ASP C 65 -35.83 12.03 -13.06
N SER C 66 -35.52 12.72 -14.16
CA SER C 66 -36.41 13.76 -14.65
C SER C 66 -37.67 13.23 -15.26
N VAL C 67 -37.91 11.91 -15.25
CA VAL C 67 -39.16 11.36 -15.74
C VAL C 67 -39.67 10.29 -14.79
N LYS C 68 -39.04 10.15 -13.63
CA LYS C 68 -39.19 8.92 -12.84
C LYS C 68 -40.64 8.68 -12.46
N GLY C 69 -41.08 7.44 -12.68
CA GLY C 69 -42.39 6.98 -12.25
C GLY C 69 -43.56 7.49 -13.06
N ARG C 70 -43.36 8.64 -13.73
CA ARG C 70 -44.43 9.26 -14.50
C ARG C 70 -44.39 8.80 -15.95
N PHE C 71 -43.20 8.63 -16.52
CA PHE C 71 -43.08 7.94 -17.79
C PHE C 71 -43.17 6.43 -17.58
N THR C 72 -43.47 5.71 -18.66
CA THR C 72 -43.42 4.26 -18.67
C THR C 72 -43.21 3.81 -20.12
N ILE C 73 -42.65 2.61 -20.28
CA ILE C 73 -42.20 2.14 -21.58
C ILE C 73 -42.47 0.63 -21.69
N SER C 74 -42.73 0.17 -22.91
CA SER C 74 -43.02 -1.23 -23.16
C SER C 74 -42.67 -1.55 -24.61
N ALA C 75 -42.50 -2.84 -24.89
CA ALA C 75 -42.01 -3.30 -26.19
C ALA C 75 -43.00 -4.28 -26.81
N ASP C 76 -43.46 -3.96 -28.02
CA ASP C 76 -44.28 -4.88 -28.80
C ASP C 76 -43.37 -5.68 -29.71
N THR C 77 -42.99 -6.88 -29.25
CA THR C 77 -42.18 -7.77 -30.06
C THR C 77 -42.92 -8.22 -31.32
N SER C 78 -44.25 -8.34 -31.25
CA SER C 78 -45.01 -8.89 -32.35
C SER C 78 -44.87 -8.06 -33.63
N LYS C 79 -44.50 -6.78 -33.53
CA LYS C 79 -44.31 -5.96 -34.72
C LYS C 79 -43.01 -5.15 -34.63
N ASN C 80 -42.03 -5.65 -33.90
CA ASN C 80 -40.68 -5.07 -33.91
C ASN C 80 -40.69 -3.63 -33.42
N THR C 81 -41.47 -3.37 -32.37
CA THR C 81 -41.79 -1.99 -32.01
C THR C 81 -41.93 -1.86 -30.49
N ALA C 82 -41.66 -0.66 -30.00
CA ALA C 82 -41.79 -0.33 -28.59
C ALA C 82 -42.47 1.03 -28.45
N TYR C 83 -42.97 1.31 -27.25
CA TYR C 83 -43.81 2.47 -27.01
C TYR C 83 -43.39 3.19 -25.74
N LEU C 84 -43.62 4.50 -25.71
CA LEU C 84 -43.39 5.33 -24.54
C LEU C 84 -44.72 5.74 -23.94
N GLN C 85 -44.96 5.36 -22.69
CA GLN C 85 -46.17 5.73 -21.97
C GLN C 85 -45.99 7.08 -21.29
N MET C 86 -45.66 8.12 -22.06
CA MET C 86 -45.50 9.45 -21.50
C MET C 86 -46.84 9.99 -21.02
N ASN C 87 -46.85 10.59 -19.83
CA ASN C 87 -48.09 11.09 -19.24
C ASN C 87 -47.78 12.30 -18.37
N SER C 88 -48.84 13.08 -18.11
CA SER C 88 -48.77 14.20 -17.16
C SER C 88 -47.62 15.14 -17.51
N LEU C 89 -47.39 15.37 -18.80
CA LEU C 89 -46.23 16.13 -19.21
C LEU C 89 -46.24 17.50 -18.54
N ARG C 90 -45.10 17.89 -18.00
CA ARG C 90 -44.86 19.19 -17.39
C ARG C 90 -44.15 20.09 -18.40
N ALA C 91 -44.17 21.39 -18.15
CA ALA C 91 -43.80 22.38 -19.16
C ALA C 91 -42.45 22.09 -19.80
N GLU C 92 -41.48 21.58 -19.04
CA GLU C 92 -40.14 21.39 -19.57
C GLU C 92 -39.96 20.12 -20.41
N ASP C 93 -40.99 19.28 -20.53
CA ASP C 93 -40.89 18.06 -21.31
C ASP C 93 -41.10 18.28 -22.81
N THR C 94 -41.01 19.52 -23.30
CA THR C 94 -41.11 19.77 -24.73
C THR C 94 -39.75 19.57 -25.40
N ALA C 95 -39.71 18.70 -26.40
CA ALA C 95 -38.45 18.34 -27.04
C ALA C 95 -38.72 17.54 -28.31
N VAL C 96 -37.67 17.35 -29.10
CA VAL C 96 -37.70 16.43 -30.22
C VAL C 96 -37.29 15.05 -29.71
N TYR C 97 -38.25 14.14 -29.66
CA TYR C 97 -38.01 12.82 -29.08
C TYR C 97 -37.41 11.86 -30.10
N TYR C 98 -36.60 10.93 -29.59
CA TYR C 98 -36.05 9.83 -30.37
C TYR C 98 -36.28 8.50 -29.67
N CYS C 99 -36.63 7.48 -30.43
CA CYS C 99 -36.43 6.10 -30.01
C CYS C 99 -35.02 5.66 -30.38
N ALA C 100 -34.52 4.67 -29.65
CA ALA C 100 -33.17 4.18 -29.87
C ALA C 100 -33.09 2.69 -29.57
N ARG C 101 -32.17 2.02 -30.26
CA ARG C 101 -31.92 0.59 -30.14
C ARG C 101 -30.42 0.36 -30.05
N SER C 102 -29.99 -0.50 -29.13
CA SER C 102 -28.57 -0.74 -28.91
C SER C 102 -28.28 -2.22 -28.75
N ARG C 103 -27.15 -2.70 -29.30
CA ARG C 103 -26.67 -4.12 -29.13
C ARG C 103 -27.47 -5.02 -30.07
N TRP C 106 -23.45 -6.47 -25.52
CA TRP C 106 -22.55 -5.44 -25.03
C TRP C 106 -22.76 -4.12 -25.76
N TYR C 107 -23.00 -3.07 -24.97
CA TYR C 107 -23.46 -1.79 -25.50
C TYR C 107 -22.30 -1.10 -26.20
N SER C 108 -22.01 -1.58 -27.40
CA SER C 108 -21.02 -0.90 -28.23
C SER C 108 -21.59 0.41 -28.71
N GLY C 109 -21.83 1.33 -27.77
CA GLY C 109 -22.47 2.59 -28.08
C GLY C 109 -23.93 2.38 -28.45
N LEU C 110 -24.70 3.46 -28.47
CA LEU C 110 -26.09 3.39 -28.86
C LEU C 110 -26.13 3.51 -30.37
N ASP C 111 -26.49 2.42 -31.06
CA ASP C 111 -26.07 2.23 -32.44
C ASP C 111 -27.11 2.57 -33.50
N TYR C 112 -28.42 2.44 -33.23
CA TYR C 112 -29.44 2.74 -34.22
C TYR C 112 -30.43 3.79 -33.71
N TRP C 113 -30.92 4.60 -34.66
CA TRP C 113 -31.61 5.84 -34.36
C TRP C 113 -32.75 6.06 -35.34
N GLY C 114 -33.77 6.80 -34.89
CA GLY C 114 -34.89 7.18 -35.73
C GLY C 114 -34.63 8.45 -36.51
N GLN C 115 -35.71 9.18 -36.79
CA GLN C 115 -35.65 10.40 -37.58
C GLN C 115 -36.09 11.65 -36.82
N ASP D 2 -25.08 9.46 -9.99
CA ASP D 2 -25.00 10.10 -11.30
C ASP D 2 -23.62 10.71 -11.51
N ILE D 3 -23.19 10.74 -12.75
CA ILE D 3 -21.86 11.23 -13.11
C ILE D 3 -22.03 12.36 -14.10
N GLN D 4 -21.57 13.55 -13.73
CA GLN D 4 -21.57 14.67 -14.65
C GLN D 4 -20.34 14.60 -15.53
N MET D 5 -20.52 14.95 -16.80
CA MET D 5 -19.42 14.97 -17.74
C MET D 5 -19.51 16.23 -18.58
N THR D 6 -18.39 16.92 -18.75
CA THR D 6 -18.38 18.27 -19.29
C THR D 6 -17.25 18.43 -20.29
N GLN D 7 -17.40 19.40 -21.19
CA GLN D 7 -16.52 19.56 -22.32
C GLN D 7 -16.31 21.05 -22.59
N SER D 8 -15.20 21.37 -23.25
CA SER D 8 -14.89 22.72 -23.68
C SER D 8 -14.16 22.66 -25.01
N PRO D 9 -14.32 23.67 -25.88
CA PRO D 9 -15.15 24.88 -25.76
C PRO D 9 -16.54 24.71 -26.37
N SER D 10 -17.47 25.60 -26.02
CA SER D 10 -18.84 25.46 -26.50
C SER D 10 -18.89 25.53 -28.02
N SER D 11 -18.18 26.48 -28.61
CA SER D 11 -18.21 26.66 -30.06
C SER D 11 -16.86 27.17 -30.54
N LEU D 12 -16.55 26.88 -31.81
CA LEU D 12 -15.29 27.27 -32.41
C LEU D 12 -15.43 27.25 -33.92
N SER D 13 -14.59 28.03 -34.61
CA SER D 13 -14.59 28.08 -36.06
C SER D 13 -13.16 27.97 -36.58
N GLY D 17 -10.24 21.41 -43.25
CA GLY D 17 -9.12 20.50 -43.26
C GLY D 17 -8.22 20.58 -42.04
N ASP D 18 -8.42 21.55 -41.17
CA ASP D 18 -7.60 21.66 -39.97
C ASP D 18 -7.92 20.52 -39.01
N ARG D 19 -6.89 19.98 -38.38
CA ARG D 19 -7.08 18.88 -37.44
C ARG D 19 -7.95 19.31 -36.27
N VAL D 20 -8.79 18.39 -35.81
CA VAL D 20 -9.71 18.64 -34.70
C VAL D 20 -9.37 17.69 -33.56
N THR D 21 -9.15 18.26 -32.38
CA THR D 21 -8.96 17.50 -31.16
C THR D 21 -9.86 18.09 -30.09
N ILE D 22 -10.51 17.23 -29.31
CA ILE D 22 -11.50 17.67 -28.33
C ILE D 22 -11.52 16.67 -27.18
N THR D 23 -11.92 17.14 -26.00
CA THR D 23 -11.78 16.37 -24.76
C THR D 23 -12.95 16.62 -23.83
N CYS D 24 -13.27 15.62 -23.02
CA CYS D 24 -14.26 15.75 -21.96
C CYS D 24 -13.82 14.88 -20.79
N ARG D 25 -14.33 15.20 -19.59
CA ARG D 25 -13.90 14.53 -18.38
C ARG D 25 -15.08 14.21 -17.48
N ALA D 26 -14.98 13.08 -16.78
CA ALA D 26 -16.06 12.50 -15.99
C ALA D 26 -15.83 12.67 -14.50
N SER D 27 -16.91 12.85 -13.75
CA SER D 27 -16.82 13.16 -12.33
C SER D 27 -16.45 11.96 -11.47
N GLN D 28 -16.63 10.73 -11.94
CA GLN D 28 -16.27 9.57 -11.15
C GLN D 28 -15.66 8.50 -12.04
N SER D 29 -14.98 7.55 -11.40
CA SER D 29 -14.36 6.45 -12.14
C SER D 29 -15.40 5.67 -12.92
N VAL D 30 -15.24 5.63 -14.24
CA VAL D 30 -16.23 5.01 -15.12
C VAL D 30 -15.58 4.04 -16.09
N SER D 31 -14.27 3.83 -15.94
CA SER D 31 -13.53 3.02 -16.90
C SER D 31 -13.60 3.65 -18.29
N SER D 32 -13.25 2.88 -19.31
CA SER D 32 -13.29 3.31 -20.71
C SER D 32 -14.70 3.27 -21.32
N ALA D 33 -15.76 3.12 -20.53
CA ALA D 33 -17.12 2.96 -21.06
C ALA D 33 -17.71 4.30 -21.51
N VAL D 34 -17.09 4.92 -22.50
CA VAL D 34 -17.52 6.19 -23.06
C VAL D 34 -17.94 5.99 -24.51
N ALA D 35 -18.99 6.69 -24.92
CA ALA D 35 -19.36 6.78 -26.32
C ALA D 35 -19.11 8.18 -26.86
N TRP D 36 -19.16 8.29 -28.18
CA TRP D 36 -19.11 9.57 -28.88
C TRP D 36 -20.14 9.55 -30.01
N TYR D 37 -20.69 10.72 -30.30
CA TYR D 37 -21.73 10.84 -31.31
C TYR D 37 -21.54 12.13 -32.09
N GLN D 38 -22.18 12.21 -33.24
CA GLN D 38 -22.28 13.47 -33.95
C GLN D 38 -23.65 13.57 -34.62
N GLN D 39 -24.07 14.80 -34.89
CA GLN D 39 -25.42 15.03 -35.40
C GLN D 39 -25.49 16.35 -36.13
N LYS D 40 -25.93 16.31 -37.38
CA LYS D 40 -26.21 17.51 -38.16
C LYS D 40 -27.59 18.06 -37.80
N PRO D 41 -27.85 19.34 -38.10
CA PRO D 41 -29.10 19.98 -37.61
C PRO D 41 -30.36 19.17 -37.82
N GLY D 42 -31.10 18.94 -36.75
CA GLY D 42 -32.43 18.37 -36.80
C GLY D 42 -32.50 16.88 -37.01
N LYS D 43 -31.38 16.18 -37.01
CA LYS D 43 -31.34 14.75 -37.22
C LYS D 43 -31.06 14.01 -35.92
N ALA D 44 -31.35 12.70 -35.93
CA ALA D 44 -30.94 11.85 -34.83
C ALA D 44 -29.43 11.60 -34.90
N PRO D 45 -28.77 11.42 -33.77
CA PRO D 45 -27.31 11.34 -33.78
C PRO D 45 -26.83 10.01 -34.31
N LYS D 46 -25.59 10.01 -34.79
CA LYS D 46 -24.93 8.83 -35.32
C LYS D 46 -23.75 8.48 -34.43
N LEU D 47 -23.62 7.20 -34.08
CA LEU D 47 -22.55 6.76 -33.20
C LEU D 47 -21.22 6.76 -33.93
N LEU D 48 -20.20 7.34 -33.30
CA LEU D 48 -18.84 7.33 -33.85
C LEU D 48 -18.00 6.21 -33.25
N ILE D 49 -17.83 6.21 -31.94
CA ILE D 49 -16.78 5.45 -31.28
C ILE D 49 -17.31 4.86 -29.99
N TYR D 50 -16.84 3.66 -29.66
CA TYR D 50 -17.25 3.00 -28.44
C TYR D 50 -16.03 2.51 -27.67
N SER D 51 -16.22 2.31 -26.38
CA SER D 51 -15.14 2.05 -25.42
C SER D 51 -13.98 3.03 -25.64
N ALA D 52 -14.35 4.28 -25.92
CA ALA D 52 -13.44 5.41 -26.04
C ALA D 52 -12.30 5.20 -27.03
N SER D 53 -12.30 4.10 -27.77
CA SER D 53 -11.27 3.91 -28.79
C SER D 53 -11.84 3.37 -30.11
N SER D 54 -12.77 2.44 -30.02
CA SER D 54 -13.12 1.57 -31.13
C SER D 54 -14.00 2.31 -32.14
N LEU D 55 -13.46 2.52 -33.34
CA LEU D 55 -14.20 3.22 -34.39
C LEU D 55 -15.26 2.30 -34.97
N TYR D 56 -16.52 2.74 -34.92
CA TYR D 56 -17.62 1.94 -35.43
C TYR D 56 -17.59 1.89 -36.95
N SER D 57 -18.19 0.84 -37.50
CA SER D 57 -18.05 0.57 -38.92
C SER D 57 -18.55 1.73 -39.76
N GLY D 58 -17.89 1.96 -40.89
CA GLY D 58 -18.29 2.99 -41.84
C GLY D 58 -17.88 4.39 -41.44
N VAL D 59 -17.58 4.58 -40.16
CA VAL D 59 -17.18 5.93 -39.71
C VAL D 59 -15.89 6.32 -40.40
N PRO D 60 -15.74 7.56 -40.88
CA PRO D 60 -14.47 7.95 -41.50
C PRO D 60 -13.31 7.80 -40.53
N SER D 61 -12.19 7.29 -41.06
CA SER D 61 -11.04 6.95 -40.23
C SER D 61 -10.53 8.14 -39.44
N ARG D 62 -10.80 9.37 -39.89
CA ARG D 62 -10.30 10.54 -39.17
C ARG D 62 -10.84 10.61 -37.75
N PHE D 63 -12.02 10.04 -37.49
CA PHE D 63 -12.53 9.98 -36.12
C PHE D 63 -11.80 8.89 -35.33
N SER D 64 -11.29 9.25 -34.15
CA SER D 64 -10.45 8.36 -33.37
C SER D 64 -10.57 8.68 -31.87
N GLY D 65 -10.87 7.66 -31.07
CA GLY D 65 -11.07 7.84 -29.64
C GLY D 65 -9.78 7.72 -28.85
N SER D 66 -9.69 8.51 -27.78
CA SER D 66 -8.52 8.51 -26.91
C SER D 66 -8.96 8.60 -25.46
N ARG D 67 -8.05 8.25 -24.54
CA ARG D 67 -8.34 8.27 -23.12
C ARG D 67 -7.10 8.71 -22.33
N SER D 68 -7.35 9.29 -21.16
CA SER D 68 -6.32 9.48 -20.13
C SER D 68 -7.04 9.58 -18.79
N GLY D 69 -6.89 8.56 -17.94
CA GLY D 69 -7.59 8.57 -16.66
C GLY D 69 -9.09 8.59 -16.86
N THR D 70 -9.77 9.48 -16.14
CA THR D 70 -11.19 9.72 -16.35
C THR D 70 -11.44 10.90 -17.27
N ASP D 71 -10.41 11.31 -18.01
CA ASP D 71 -10.53 12.31 -19.06
C ASP D 71 -10.46 11.59 -20.40
N PHE D 72 -11.47 11.79 -21.24
CA PHE D 72 -11.57 11.11 -22.52
C PHE D 72 -11.63 12.13 -23.63
N THR D 73 -11.13 11.74 -24.79
CA THR D 73 -10.79 12.67 -25.87
C THR D 73 -11.19 12.05 -27.20
N LEU D 74 -11.49 12.93 -28.16
CA LEU D 74 -11.68 12.50 -29.55
C LEU D 74 -10.84 13.40 -30.45
N THR D 75 -10.25 12.80 -31.48
CA THR D 75 -9.49 13.52 -32.47
C THR D 75 -10.07 13.26 -33.87
N ILE D 76 -10.37 14.33 -34.58
CA ILE D 76 -10.60 14.26 -36.02
C ILE D 76 -9.32 14.75 -36.68
N SER D 77 -8.66 13.87 -37.44
CA SER D 77 -7.37 14.23 -38.01
C SER D 77 -7.48 15.46 -38.89
N SER D 78 -8.68 15.75 -39.39
CA SER D 78 -8.91 16.95 -40.18
C SER D 78 -10.37 17.34 -40.05
N LEU D 79 -10.65 18.61 -40.30
CA LEU D 79 -12.02 19.10 -40.38
C LEU D 79 -12.43 19.09 -41.84
N GLN D 80 -13.08 17.99 -42.25
CA GLN D 80 -13.61 17.91 -43.60
C GLN D 80 -14.77 18.88 -43.74
N PRO D 81 -15.11 19.27 -44.98
CA PRO D 81 -16.24 20.19 -45.17
C PRO D 81 -17.56 19.62 -44.67
N GLU D 82 -17.64 18.30 -44.47
CA GLU D 82 -18.83 17.64 -43.96
C GLU D 82 -18.80 17.44 -42.44
N ASP D 83 -17.93 18.16 -41.73
CA ASP D 83 -17.72 17.93 -40.29
C ASP D 83 -18.29 19.04 -39.42
N PHE D 84 -19.23 19.84 -39.93
CA PHE D 84 -20.00 20.73 -39.07
C PHE D 84 -21.13 19.93 -38.44
N ALA D 85 -21.03 19.64 -37.14
CA ALA D 85 -22.01 18.77 -36.50
C ALA D 85 -21.94 18.93 -34.99
N THR D 86 -23.04 18.58 -34.32
CA THR D 86 -23.03 18.42 -32.87
C THR D 86 -22.22 17.19 -32.50
N TYR D 87 -21.70 17.17 -31.27
CA TYR D 87 -21.01 16.00 -30.76
C TYR D 87 -21.29 15.86 -29.27
N TYR D 88 -21.50 14.63 -28.82
CA TYR D 88 -21.65 14.33 -27.40
C TYR D 88 -20.60 13.32 -27.00
N CYS D 89 -20.02 13.51 -25.83
CA CYS D 89 -19.36 12.40 -25.15
C CYS D 89 -20.27 11.91 -24.04
N GLN D 90 -20.34 10.59 -23.88
CA GLN D 90 -21.36 9.99 -23.04
C GLN D 90 -20.82 8.76 -22.34
N GLN D 91 -21.00 8.71 -21.02
CA GLN D 91 -20.66 7.52 -20.25
C GLN D 91 -21.83 6.55 -20.23
N TYR D 92 -21.52 5.25 -20.22
CA TYR D 92 -22.55 4.22 -20.23
C TYR D 92 -22.32 3.10 -19.23
N LYS D 93 -21.53 3.31 -18.18
CA LYS D 93 -21.49 2.31 -17.12
C LYS D 93 -22.71 2.41 -16.22
N TYR D 94 -23.18 3.62 -15.95
CA TYR D 94 -24.16 3.85 -14.91
C TYR D 94 -25.43 4.48 -15.46
N VAL D 95 -26.54 4.13 -14.83
CA VAL D 95 -27.87 4.64 -15.15
C VAL D 95 -28.26 5.59 -14.03
N PRO D 96 -28.64 6.83 -14.32
CA PRO D 96 -28.83 7.45 -15.64
C PRO D 96 -27.53 7.68 -16.41
N VAL D 97 -27.57 7.39 -17.70
CA VAL D 97 -26.54 7.77 -18.65
C VAL D 97 -26.41 9.29 -18.59
N THR D 98 -25.27 9.83 -19.04
CA THR D 98 -25.08 11.27 -19.00
C THR D 98 -24.34 11.71 -20.24
N PHE D 99 -25.06 12.30 -21.18
CA PHE D 99 -24.42 13.05 -22.26
C PHE D 99 -23.95 14.41 -21.75
N GLY D 100 -22.80 14.85 -22.27
CA GLY D 100 -22.33 16.17 -22.00
C GLY D 100 -23.08 17.21 -22.81
N GLN D 101 -22.61 18.46 -22.71
CA GLN D 101 -23.24 19.57 -23.41
C GLN D 101 -22.78 19.72 -24.86
N GLY D 102 -21.70 19.04 -25.24
CA GLY D 102 -21.36 18.91 -26.66
C GLY D 102 -20.81 20.13 -27.34
N THR D 103 -20.29 19.94 -28.57
CA THR D 103 -19.61 20.98 -29.33
C THR D 103 -20.32 21.24 -30.65
N LYS D 104 -20.60 22.51 -30.94
CA LYS D 104 -20.84 22.95 -32.30
C LYS D 104 -19.55 23.49 -32.88
N VAL D 105 -19.36 23.31 -34.19
CA VAL D 105 -18.14 23.70 -34.87
C VAL D 105 -18.49 24.34 -36.20
N GLU D 106 -17.77 25.40 -36.56
CA GLU D 106 -17.99 26.06 -37.84
C GLU D 106 -16.82 26.96 -38.26
N ARG E 7 12.35 16.14 10.85
CA ARG E 7 12.29 14.74 10.35
C ARG E 7 11.40 13.91 11.26
N VAL E 8 10.30 13.40 10.73
CA VAL E 8 9.29 12.71 11.52
C VAL E 8 9.40 11.22 11.27
N PHE E 9 9.39 10.45 12.36
CA PHE E 9 9.30 9.00 12.26
C PHE E 9 7.88 8.60 11.87
N LYS E 10 7.76 7.61 10.99
CA LYS E 10 6.45 7.07 10.62
C LYS E 10 6.48 5.56 10.70
N LYS E 11 5.43 4.95 11.25
CA LYS E 11 5.31 3.46 11.20
C LYS E 11 3.98 3.17 10.54
N ALA E 12 3.89 2.18 9.64
CA ALA E 12 2.73 1.83 8.83
C ALA E 12 2.19 0.47 9.24
N SER E 13 0.87 0.33 9.15
CA SER E 13 0.18 -0.83 9.69
C SER E 13 0.42 -2.06 8.82
N PRO E 14 0.18 -3.26 9.35
CA PRO E 14 0.28 -4.47 8.53
C PRO E 14 -0.60 -4.46 7.29
N ASN E 15 -1.81 -3.90 7.36
CA ASN E 15 -2.65 -3.81 6.18
C ASN E 15 -2.20 -2.73 5.21
N GLY E 16 -1.25 -1.89 5.61
CA GLY E 16 -0.75 -0.86 4.74
C GLY E 16 -1.65 0.34 4.58
N LYS E 17 -2.82 0.35 5.22
CA LYS E 17 -3.70 1.50 5.12
C LYS E 17 -3.26 2.61 6.08
N LEU E 18 -3.05 2.27 7.34
CA LEU E 18 -2.84 3.27 8.39
C LEU E 18 -1.38 3.63 8.54
N THR E 19 -1.12 4.90 8.81
CA THR E 19 0.19 5.38 9.24
C THR E 19 0.02 6.35 10.41
N VAL E 20 0.97 6.33 11.35
CA VAL E 20 1.00 7.27 12.45
C VAL E 20 2.33 8.01 12.44
N TYR E 21 2.28 9.32 12.61
CA TYR E 21 3.46 10.16 12.64
C TYR E 21 3.66 10.72 14.04
N LEU E 22 4.87 10.60 14.57
CA LEU E 22 5.30 11.38 15.72
C LEU E 22 6.58 12.12 15.34
N GLY E 23 6.57 13.45 15.50
CA GLY E 23 7.71 14.25 15.10
C GLY E 23 8.97 14.00 15.88
N LYS E 24 8.85 13.34 17.04
CA LYS E 24 9.98 12.80 17.78
C LYS E 24 9.39 11.91 18.86
N ARG E 25 10.26 11.17 19.55
CA ARG E 25 9.83 10.32 20.65
C ARG E 25 10.63 10.54 21.92
N ASP E 26 11.65 11.36 21.90
CA ASP E 26 12.38 11.75 23.10
C ASP E 26 11.85 13.10 23.59
N PHE E 27 10.58 13.10 23.98
CA PHE E 27 9.90 14.34 24.35
C PHE E 27 10.45 14.90 25.65
N VAL E 28 10.60 16.22 25.68
CA VAL E 28 11.25 16.88 26.81
C VAL E 28 10.23 17.12 27.94
N ASP E 29 10.79 17.45 29.11
CA ASP E 29 9.93 17.94 30.21
C ASP E 29 10.58 19.23 30.67
N HIS E 30 9.84 20.15 31.25
CA HIS E 30 10.32 21.43 31.75
C HIS E 30 10.27 21.52 33.27
N ILE E 31 9.97 20.43 33.96
CA ILE E 31 9.76 20.41 35.42
C ILE E 31 8.37 20.93 35.76
N ASP E 32 7.98 22.06 35.15
CA ASP E 32 6.67 22.63 35.42
C ASP E 32 5.58 21.94 34.62
N LEU E 33 5.82 21.65 33.34
CA LEU E 33 4.89 20.91 32.51
C LEU E 33 5.67 20.01 31.56
N VAL E 34 5.08 18.79 30.98
CA VAL E 34 5.54 17.84 29.99
C VAL E 34 4.97 18.23 28.63
N ASP E 35 5.79 18.14 27.60
CA ASP E 35 5.34 18.53 26.28
C ASP E 35 4.20 17.61 25.83
N PRO E 36 3.15 18.15 25.22
CA PRO E 36 2.10 17.30 24.67
C PRO E 36 2.55 16.59 23.41
N VAL E 37 2.19 15.31 23.29
CA VAL E 37 2.42 14.57 22.06
C VAL E 37 1.60 15.19 20.93
N ASP E 38 2.13 15.11 19.72
CA ASP E 38 1.37 15.49 18.53
C ASP E 38 1.73 14.56 17.39
N GLY E 39 0.82 14.44 16.43
CA GLY E 39 1.08 13.56 15.30
C GLY E 39 -0.06 13.57 14.31
N VAL E 40 0.11 12.75 13.28
CA VAL E 40 -0.88 12.57 12.23
C VAL E 40 -1.21 11.09 12.12
N VAL E 41 -2.48 10.74 12.27
CA VAL E 41 -2.96 9.40 11.93
C VAL E 41 -3.53 9.46 10.51
N PRO E 45 -10.57 5.10 6.24
CA PRO E 45 -11.90 4.53 6.55
C PRO E 45 -12.52 3.80 5.38
N GLU E 46 -12.15 4.16 4.17
CA GLU E 46 -12.58 3.43 3.00
C GLU E 46 -12.09 1.99 3.03
N TYR E 47 -11.07 1.69 3.83
CA TYR E 47 -10.89 0.33 4.30
C TYR E 47 -11.74 0.07 5.54
N LEU E 48 -11.46 0.79 6.62
CA LEU E 48 -12.16 0.60 7.90
C LEU E 48 -13.50 1.33 7.83
N LYS E 49 -14.45 0.68 7.14
CA LYS E 49 -15.73 1.29 6.82
C LYS E 49 -16.43 1.85 8.04
N GLU E 50 -15.97 1.48 9.24
CA GLU E 50 -16.50 2.04 10.46
C GLU E 50 -16.34 3.55 10.48
N ARG E 51 -15.39 4.09 9.71
CA ARG E 51 -15.26 5.53 9.50
C ARG E 51 -14.77 6.27 10.75
N ARG E 52 -13.80 5.68 11.45
CA ARG E 52 -13.26 6.32 12.64
C ARG E 52 -11.91 5.72 12.94
N VAL E 53 -11.06 6.49 13.63
CA VAL E 53 -9.76 6.02 14.09
C VAL E 53 -9.49 6.54 15.50
N TYR E 54 -8.53 5.89 16.17
CA TYR E 54 -8.19 6.18 17.56
C TYR E 54 -6.68 6.22 17.76
N VAL E 55 -6.22 7.20 18.54
CA VAL E 55 -4.88 7.19 19.13
C VAL E 55 -5.04 6.93 20.62
N THR E 56 -4.30 5.97 21.14
CA THR E 56 -4.22 5.76 22.58
C THR E 56 -2.78 5.97 23.02
N LEU E 57 -2.58 6.89 23.97
CA LEU E 57 -1.29 7.12 24.58
C LEU E 57 -1.27 6.45 25.93
N THR E 58 -0.19 5.71 26.21
CA THR E 58 -0.17 4.90 27.42
C THR E 58 1.24 4.80 27.97
N CYS E 59 1.33 4.81 29.30
CA CYS E 59 2.54 4.43 30.01
C CYS E 59 2.28 3.10 30.70
N ALA E 60 3.23 2.18 30.56
CA ALA E 60 3.06 0.84 31.13
C ALA E 60 4.35 0.40 31.81
N PHE E 61 4.20 -0.25 32.96
CA PHE E 61 5.31 -0.80 33.72
C PHE E 61 5.30 -2.32 33.61
N LYS E 77 1.28 -3.54 34.14
CA LYS E 77 0.31 -2.52 34.49
C LYS E 77 0.48 -1.29 33.60
N ASP E 78 -0.62 -0.82 33.04
CA ASP E 78 -0.66 0.47 32.37
C ASP E 78 -0.89 1.54 33.43
N LEU E 79 0.10 2.40 33.65
CA LEU E 79 -0.05 3.43 34.68
C LEU E 79 -1.18 4.39 34.34
N PHE E 80 -1.27 4.78 33.08
CA PHE E 80 -2.22 5.81 32.66
C PHE E 80 -2.50 5.62 31.18
N VAL E 81 -3.77 5.80 30.80
CA VAL E 81 -4.23 5.57 29.43
C VAL E 81 -5.13 6.73 29.05
N ALA E 82 -4.93 7.26 27.84
CA ALA E 82 -5.81 8.29 27.31
C ALA E 82 -6.09 8.00 25.85
N ASN E 83 -7.26 8.44 25.39
CA ASN E 83 -7.76 8.11 24.06
C ASN E 83 -8.28 9.33 23.34
N VAL E 84 -7.90 9.47 22.07
CA VAL E 84 -8.39 10.54 21.20
C VAL E 84 -8.51 10.02 19.77
N GLN E 85 -9.40 10.64 19.00
CA GLN E 85 -9.66 10.28 17.60
C GLN E 85 -9.43 11.52 16.72
N SER E 86 -8.55 11.40 15.73
CA SER E 86 -8.38 12.49 14.78
C SER E 86 -9.45 12.49 13.71
N PHE E 87 -10.15 11.38 13.52
CA PHE E 87 -11.11 11.25 12.44
C PHE E 87 -12.33 10.45 12.87
N PRO E 88 -13.54 10.92 12.53
CA PRO E 88 -13.87 12.20 11.89
C PRO E 88 -13.72 13.29 12.93
N PRO E 91 -15.78 17.91 17.50
CA PRO E 91 -15.60 19.30 17.95
C PRO E 91 -14.97 19.42 19.32
N GLU E 92 -15.25 18.49 20.22
CA GLU E 92 -14.70 18.57 21.58
C GLU E 92 -13.21 18.28 21.63
N ASP E 93 -12.64 17.73 20.56
CA ASP E 93 -11.22 17.42 20.50
C ASP E 93 -10.44 18.42 19.65
N LYS E 94 -11.00 19.60 19.40
CA LYS E 94 -10.35 20.60 18.58
C LYS E 94 -9.23 21.31 19.34
N LYS E 95 -8.22 20.57 19.74
CA LYS E 95 -7.04 21.16 20.35
C LYS E 95 -6.25 21.88 19.25
N PRO E 96 -5.91 23.15 19.41
CA PRO E 96 -5.39 23.92 18.26
C PRO E 96 -4.15 23.28 17.65
N LEU E 97 -4.07 23.36 16.33
CA LEU E 97 -3.04 22.64 15.58
C LEU E 97 -1.65 23.16 15.92
N THR E 98 -0.72 22.23 16.18
CA THR E 98 0.65 22.56 16.54
C THR E 98 1.49 22.85 15.29
N ARG E 99 2.65 23.44 15.51
CA ARG E 99 3.44 23.99 14.41
C ARG E 99 3.77 22.93 13.37
N LEU E 100 4.56 21.92 13.75
CA LEU E 100 4.98 20.93 12.77
C LEU E 100 3.81 20.06 12.30
N GLN E 101 2.78 19.92 13.14
CA GLN E 101 1.67 19.03 12.78
C GLN E 101 0.90 19.59 11.59
N GLU E 102 0.72 20.90 11.52
CA GLU E 102 0.07 21.50 10.35
C GLU E 102 0.92 21.31 9.09
N ARG E 103 2.24 21.37 9.26
CA ARG E 103 3.11 21.11 8.09
C ARG E 103 2.88 19.66 7.64
N LEU E 104 2.74 18.73 8.58
CA LEU E 104 2.49 17.32 8.24
C LEU E 104 1.17 17.17 7.49
N ILE E 105 0.11 17.81 7.99
CA ILE E 105 -1.17 17.74 7.29
C ILE E 105 -1.04 18.27 5.88
N LYS E 106 -0.39 19.43 5.72
CA LYS E 106 -0.19 19.96 4.38
C LYS E 106 0.60 19.01 3.51
N LYS E 107 1.52 18.24 4.11
CA LYS E 107 2.29 17.26 3.35
C LYS E 107 1.39 16.14 2.84
N LEU E 108 0.47 15.66 3.70
CA LEU E 108 -0.25 14.44 3.39
C LEU E 108 -1.59 14.67 2.69
N GLY E 109 -2.29 15.77 2.99
CA GLY E 109 -3.50 16.09 2.26
C GLY E 109 -4.79 15.53 2.88
N GLU E 110 -5.73 15.19 1.99
CA GLU E 110 -7.14 15.05 2.36
C GLU E 110 -7.40 14.02 3.45
N HIS E 111 -6.59 12.97 3.53
CA HIS E 111 -6.82 11.90 4.49
C HIS E 111 -5.97 12.06 5.75
N ALA E 112 -5.30 13.19 5.91
CA ALA E 112 -4.47 13.45 7.07
C ALA E 112 -5.22 14.32 8.06
N TYR E 113 -5.22 13.90 9.33
CA TYR E 113 -5.96 14.58 10.38
C TYR E 113 -5.11 14.66 11.64
N PRO E 114 -5.01 15.84 12.27
CA PRO E 114 -4.13 15.98 13.43
C PRO E 114 -4.68 15.31 14.69
N PHE E 115 -3.76 15.04 15.62
CA PHE E 115 -4.10 14.64 16.98
C PHE E 115 -3.02 15.14 17.93
N THR E 116 -3.39 15.33 19.19
CA THR E 116 -2.45 15.82 20.20
C THR E 116 -2.94 15.42 21.58
N PHE E 117 -2.00 15.30 22.52
CA PHE E 117 -2.28 14.82 23.87
C PHE E 117 -1.69 15.75 24.90
N GLU E 118 -2.52 16.19 25.85
CA GLU E 118 -2.02 16.90 27.02
C GLU E 118 -1.44 15.89 28.00
N ILE E 119 -0.15 15.60 27.88
CA ILE E 119 0.50 14.64 28.77
C ILE E 119 0.41 15.16 30.20
N PRO E 120 -0.20 14.43 31.13
CA PRO E 120 -0.26 14.91 32.51
C PRO E 120 1.11 14.89 33.15
N PRO E 121 1.44 15.86 34.00
CA PRO E 121 2.63 15.73 34.82
C PRO E 121 2.38 14.80 36.00
N ASN E 122 3.33 14.69 36.91
CA ASN E 122 3.23 13.78 38.06
C ASN E 122 3.37 12.34 37.62
N LEU E 123 4.24 12.09 36.64
CA LEU E 123 4.40 10.78 36.03
C LEU E 123 5.86 10.59 35.67
N PRO E 124 6.31 9.34 35.52
CA PRO E 124 7.73 9.08 35.27
C PRO E 124 8.24 9.57 33.94
N CYS E 125 9.53 9.36 33.71
CA CYS E 125 10.16 9.37 32.39
C CYS E 125 10.36 7.93 31.94
N SER E 126 10.83 7.75 30.71
CA SER E 126 11.11 6.40 30.23
C SER E 126 12.43 5.93 30.80
N VAL E 127 12.38 4.90 31.65
CA VAL E 127 13.55 4.27 32.24
C VAL E 127 13.26 2.79 32.40
N THR E 128 14.31 1.98 32.30
CA THR E 128 14.17 0.53 32.21
C THR E 128 15.09 -0.17 33.20
N LEU E 129 14.94 -1.49 33.26
CA LEU E 129 15.71 -2.36 34.15
C LEU E 129 16.67 -3.23 33.34
N GLN E 130 17.86 -3.49 33.91
CA GLN E 130 18.84 -4.37 33.30
C GLN E 130 18.23 -5.75 33.03
N PRO E 131 18.21 -6.20 31.78
CA PRO E 131 17.84 -7.60 31.52
C PRO E 131 18.88 -8.56 32.08
N ALA E 139 11.74 -4.92 27.15
CA ALA E 139 12.48 -4.20 28.19
C ALA E 139 11.61 -3.99 29.41
N CYS E 140 12.07 -4.48 30.56
CA CYS E 140 11.31 -4.32 31.80
C CYS E 140 11.29 -2.85 32.22
N GLY E 141 10.48 -2.57 33.22
CA GLY E 141 10.32 -1.22 33.70
C GLY E 141 9.12 -0.54 33.07
N VAL E 142 9.15 0.80 33.13
CA VAL E 142 8.07 1.61 32.58
C VAL E 142 8.30 1.82 31.10
N ASP E 143 7.21 1.97 30.35
CA ASP E 143 7.30 2.22 28.92
C ASP E 143 6.09 2.99 28.47
N TYR E 144 6.27 3.83 27.46
CA TYR E 144 5.21 4.65 26.90
C TYR E 144 4.84 4.11 25.53
N GLU E 145 3.61 3.65 25.38
CA GLU E 145 3.13 2.99 24.17
C GLU E 145 2.11 3.87 23.46
N VAL E 146 2.36 4.16 22.19
CA VAL E 146 1.44 4.90 21.35
C VAL E 146 0.81 3.92 20.38
N LYS E 147 -0.49 3.70 20.51
CA LYS E 147 -1.22 2.72 19.72
C LYS E 147 -2.27 3.45 18.88
N ALA E 148 -2.08 3.44 17.57
CA ALA E 148 -3.03 4.02 16.62
C ALA E 148 -3.74 2.90 15.89
N PHE E 149 -5.06 2.95 15.89
CA PHE E 149 -5.89 1.85 15.39
C PHE E 149 -7.23 2.40 14.94
N CYS E 150 -7.95 1.56 14.18
CA CYS E 150 -9.25 1.91 13.62
C CYS E 150 -10.32 0.96 14.14
N ALA E 151 -11.53 1.50 14.30
CA ALA E 151 -12.66 0.74 14.82
C ALA E 151 -13.89 1.63 14.77
N GLU E 152 -15.03 1.04 15.11
CA GLU E 152 -16.25 1.82 15.30
C GLU E 152 -16.28 2.50 16.68
N ASN E 153 -15.79 1.80 17.71
CA ASN E 153 -15.74 2.37 19.05
C ASN E 153 -14.73 1.60 19.87
N LEU E 154 -14.29 2.20 20.98
CA LEU E 154 -13.35 1.52 21.86
C LEU E 154 -13.87 0.17 22.33
N GLU E 155 -15.18 0.00 22.43
CA GLU E 155 -15.73 -1.27 22.90
C GLU E 155 -15.35 -2.40 21.95
N GLU E 156 -15.11 -2.09 20.68
CA GLU E 156 -14.71 -3.10 19.70
C GLU E 156 -13.23 -3.44 19.85
N LYS E 157 -12.91 -4.72 19.65
CA LYS E 157 -11.53 -5.17 19.77
C LYS E 157 -10.70 -4.73 18.56
N ILE E 158 -9.44 -4.38 18.83
CA ILE E 158 -8.48 -4.04 17.78
C ILE E 158 -8.16 -5.28 16.95
N HIS E 159 -7.55 -5.07 15.78
CA HIS E 159 -6.99 -6.16 15.00
C HIS E 159 -5.54 -5.84 14.65
N LYS E 160 -4.66 -6.81 14.90
CA LYS E 160 -3.24 -6.61 14.59
C LYS E 160 -3.02 -6.29 13.12
N ARG E 161 -3.94 -6.71 12.26
CA ARG E 161 -3.84 -6.46 10.84
C ARG E 161 -3.94 -4.97 10.49
N ASN E 162 -4.37 -4.13 11.44
CA ASN E 162 -4.78 -2.78 11.10
C ASN E 162 -4.19 -1.67 11.96
N SER E 163 -3.40 -1.98 12.99
CA SER E 163 -2.89 -0.96 13.90
C SER E 163 -1.39 -0.70 13.67
N VAL E 164 -0.91 0.38 14.29
CA VAL E 164 0.52 0.69 14.38
C VAL E 164 0.84 0.96 15.85
N ARG E 165 1.95 0.40 16.32
CA ARG E 165 2.36 0.54 17.71
C ARG E 165 3.74 1.19 17.76
N LEU E 166 3.82 2.32 18.47
CA LEU E 166 5.07 3.04 18.66
C LEU E 166 5.43 3.08 20.14
N VAL E 167 6.72 3.16 20.42
CA VAL E 167 7.25 3.32 21.78
C VAL E 167 7.99 4.64 21.85
N ILE E 168 7.82 5.37 22.96
CA ILE E 168 8.33 6.72 23.10
C ILE E 168 9.01 6.91 24.45
N ARG E 169 9.73 8.02 24.58
CA ARG E 169 10.60 8.29 25.72
C ARG E 169 10.39 9.74 26.21
N LYS E 170 9.64 9.88 27.29
CA LYS E 170 9.63 11.12 28.06
C LYS E 170 10.92 11.24 28.86
N VAL E 171 11.65 12.33 28.66
CA VAL E 171 12.98 12.49 29.23
C VAL E 171 13.15 13.89 29.79
N GLN E 172 14.07 14.03 30.74
CA GLN E 172 14.26 15.27 31.49
C GLN E 172 15.75 15.52 31.70
N TYR E 173 16.14 16.78 31.61
CA TYR E 173 17.54 17.17 31.58
C TYR E 173 17.87 18.12 32.73
N ALA E 174 19.15 18.14 33.10
CA ALA E 174 19.59 18.75 34.34
C ALA E 174 19.17 20.22 34.41
N PRO E 175 18.79 20.71 35.60
CA PRO E 175 18.54 22.14 35.76
C PRO E 175 19.74 23.00 35.40
N GLU E 176 19.46 24.16 34.83
CA GLU E 176 20.51 25.15 34.60
C GLU E 176 21.05 25.72 35.91
N ARG E 177 20.29 25.62 37.01
CA ARG E 177 20.70 26.19 38.29
C ARG E 177 21.38 25.14 39.15
N PRO E 178 22.67 25.22 39.39
CA PRO E 178 23.32 24.23 40.25
C PRO E 178 22.77 24.29 41.67
N GLY E 179 22.83 23.15 42.34
CA GLY E 179 22.42 23.08 43.72
C GLY E 179 23.49 23.65 44.64
N PRO E 180 23.37 23.37 45.94
CA PRO E 180 24.44 23.71 46.86
C PRO E 180 25.62 22.77 46.68
N GLN E 181 26.76 23.19 47.20
CA GLN E 181 27.87 22.26 47.34
C GLN E 181 27.45 21.25 48.39
N PRO E 182 27.16 20.00 48.01
CA PRO E 182 26.30 19.16 48.86
C PRO E 182 27.01 18.58 50.07
N THR E 183 27.71 19.44 50.81
CA THR E 183 28.54 18.98 51.92
C THR E 183 27.71 18.27 52.98
N ALA E 184 28.35 17.33 53.66
CA ALA E 184 27.79 16.70 54.84
C ALA E 184 28.93 16.36 55.79
N GLU E 185 28.64 16.42 57.10
CA GLU E 185 29.65 16.17 58.12
C GLU E 185 29.05 15.34 59.24
N THR E 186 29.93 14.63 59.97
CA THR E 186 29.53 13.94 61.19
C THR E 186 30.76 13.73 62.06
N THR E 187 30.81 14.38 63.22
CA THR E 187 31.88 14.15 64.19
C THR E 187 31.52 12.90 64.98
N ARG E 188 31.76 11.73 64.36
CA ARG E 188 31.38 10.47 64.99
C ARG E 188 32.13 10.30 66.31
N GLN E 189 31.37 10.20 67.40
CA GLN E 189 31.92 10.29 68.75
C GLN E 189 32.09 8.91 69.34
N PHE E 190 33.26 8.68 69.95
CA PHE E 190 33.60 7.41 70.58
C PHE E 190 33.56 7.56 72.09
N SER E 193 37.95 7.95 73.00
CA SER E 193 38.61 9.14 72.46
C SER E 193 37.68 10.33 72.70
N ASP E 194 38.05 11.17 73.66
CA ASP E 194 37.20 12.32 73.99
C ASP E 194 37.00 13.21 72.77
N LYS E 195 38.07 13.49 72.05
CA LYS E 195 37.97 14.26 70.83
C LYS E 195 37.33 13.41 69.74
N PRO E 196 36.07 13.63 69.38
CA PRO E 196 35.41 12.74 68.42
C PRO E 196 36.14 12.68 67.09
N LEU E 197 36.08 11.51 66.46
CA LEU E 197 36.56 11.38 65.09
C LEU E 197 35.69 12.23 64.17
N HIS E 198 36.32 13.02 63.33
CA HIS E 198 35.60 13.91 62.43
C HIS E 198 35.63 13.38 61.01
N LEU E 199 34.47 13.34 60.37
CA LEU E 199 34.33 12.99 58.97
C LEU E 199 33.75 14.18 58.23
N GLU E 200 34.47 14.68 57.23
CA GLU E 200 34.13 15.92 56.54
C GLU E 200 34.27 15.69 55.04
N ALA E 201 33.24 16.10 54.28
CA ALA E 201 33.17 15.70 52.87
C ALA E 201 32.49 16.78 52.03
N SER E 202 32.92 16.88 50.78
CA SER E 202 32.36 17.83 49.82
C SER E 202 32.52 17.26 48.41
N LEU E 203 31.62 17.66 47.52
CA LEU E 203 31.73 17.41 46.08
C LEU E 203 31.75 18.75 45.36
N ASP E 204 31.90 18.69 44.03
CA ASP E 204 31.77 19.92 43.24
C ASP E 204 30.32 20.32 43.04
N LYS E 205 29.43 19.35 42.82
CA LYS E 205 28.06 19.66 42.44
C LYS E 205 27.11 18.57 42.92
N GLU E 206 25.85 18.96 43.16
CA GLU E 206 24.76 18.01 43.24
C GLU E 206 24.32 17.56 41.85
N ILE E 207 24.41 18.46 40.86
CA ILE E 207 23.99 18.17 39.50
C ILE E 207 25.22 17.76 38.71
N TYR E 208 25.28 16.48 38.35
CA TYR E 208 26.40 15.93 37.58
C TYR E 208 25.94 15.43 36.22
N TYR E 209 26.86 15.52 35.26
CA TYR E 209 26.67 14.92 33.96
C TYR E 209 27.11 13.47 33.97
N HIS E 210 26.48 12.66 33.12
CA HIS E 210 26.66 11.22 33.15
C HIS E 210 27.92 10.83 32.39
N GLY E 211 28.66 9.87 32.95
CA GLY E 211 29.94 9.47 32.40
C GLY E 211 31.11 10.29 32.87
N GLU E 212 30.87 11.27 33.73
CA GLU E 212 31.89 12.17 34.27
C GLU E 212 32.36 11.65 35.62
N PRO E 213 33.57 11.96 36.05
CA PRO E 213 33.98 11.61 37.42
C PRO E 213 33.33 12.53 38.44
N ILE E 214 33.45 12.15 39.70
CA ILE E 214 33.06 12.98 40.83
C ILE E 214 34.29 13.23 41.69
N SER E 215 34.69 14.50 41.82
CA SER E 215 35.90 14.88 42.55
C SER E 215 35.60 14.93 44.05
N VAL E 216 35.44 13.74 44.62
CA VAL E 216 35.16 13.62 46.05
C VAL E 216 36.32 14.21 46.84
N ASN E 217 36.06 15.25 47.61
CA ASN E 217 37.09 16.02 48.32
C ASN E 217 36.78 15.97 49.82
N VAL E 218 37.61 15.27 50.59
CA VAL E 218 37.30 14.91 51.97
C VAL E 218 38.45 15.32 52.87
N HIS E 219 38.10 15.80 54.09
CA HIS E 219 39.09 16.22 55.10
C HIS E 219 38.69 15.72 56.49
N VAL E 220 39.11 14.49 56.84
CA VAL E 220 38.85 13.97 58.18
C VAL E 220 39.86 14.56 59.16
N THR E 221 39.56 14.42 60.45
CA THR E 221 40.46 14.82 61.54
C THR E 221 40.54 13.69 62.56
N ASN E 222 41.58 12.86 62.46
CA ASN E 222 41.72 11.73 63.38
C ASN E 222 42.59 12.15 64.56
N ASN E 223 42.00 12.95 65.45
CA ASN E 223 42.58 13.23 66.74
C ASN E 223 42.19 12.19 67.79
N THR E 224 41.74 11.02 67.37
CA THR E 224 41.41 9.95 68.31
C THR E 224 42.67 9.19 68.70
N ASN E 225 42.51 8.28 69.66
CA ASN E 225 43.61 7.48 70.19
C ASN E 225 43.75 6.14 69.49
N LYS E 226 43.20 6.00 68.28
CA LYS E 226 43.26 4.74 67.56
C LYS E 226 43.48 5.00 66.07
N THR E 227 43.91 3.95 65.37
CA THR E 227 44.11 3.98 63.94
C THR E 227 42.88 3.47 63.20
N VAL E 228 42.69 3.94 61.96
CA VAL E 228 41.68 3.43 61.05
C VAL E 228 42.32 3.24 59.69
N LYS E 229 42.03 2.09 59.06
CA LYS E 229 42.85 1.61 57.96
C LYS E 229 42.31 1.93 56.57
N LYS E 230 41.00 1.78 56.33
CA LYS E 230 40.46 1.85 54.98
C LYS E 230 39.27 2.81 54.90
N ILE E 231 39.33 3.70 53.92
CA ILE E 231 38.25 4.65 53.63
C ILE E 231 37.56 4.18 52.34
N LYS E 232 36.25 4.02 52.40
CA LYS E 232 35.49 3.36 51.35
C LYS E 232 34.66 4.38 50.57
N ILE E 233 34.96 4.54 49.29
CA ILE E 233 34.32 5.52 48.42
C ILE E 233 33.42 4.77 47.44
N SER E 234 32.13 5.15 47.39
CA SER E 234 31.17 4.41 46.58
C SER E 234 30.04 5.33 46.12
N VAL E 235 29.40 4.95 45.01
CA VAL E 235 28.15 5.54 44.54
C VAL E 235 27.11 4.44 44.46
N ARG E 236 25.93 4.69 44.99
CA ARG E 236 24.84 3.71 44.96
C ARG E 236 23.62 4.28 44.25
N GLN E 237 23.06 3.51 43.31
CA GLN E 237 21.81 3.88 42.68
C GLN E 237 20.65 3.46 43.57
N TYR E 238 19.82 4.44 43.94
CA TYR E 238 18.60 4.19 44.71
C TYR E 238 17.42 4.37 43.77
N ALA E 239 16.51 3.41 43.75
CA ALA E 239 15.43 3.39 42.75
C ALA E 239 14.09 3.24 43.43
N ASP E 240 13.31 4.33 43.45
CA ASP E 240 11.97 4.28 44.00
C ASP E 240 10.99 3.73 42.96
N ILE E 241 10.24 2.72 43.38
CA ILE E 241 9.20 2.09 42.56
C ILE E 241 7.93 2.03 43.40
N CYS E 242 6.79 2.33 42.78
CA CYS E 242 5.53 2.22 43.48
C CYS E 242 4.43 1.84 42.51
N LEU E 243 3.72 0.76 42.85
CA LEU E 243 2.56 0.32 42.10
C LEU E 243 1.43 -0.05 43.04
N PHE E 244 1.79 -0.48 44.25
CA PHE E 244 0.88 -0.60 45.38
C PHE E 244 1.49 -0.12 46.69
N ASN E 245 2.82 -0.12 46.81
CA ASN E 245 3.51 0.43 47.96
C ASN E 245 4.79 1.08 47.47
N THR E 246 5.36 1.95 48.29
CA THR E 246 6.61 2.61 47.95
C THR E 246 7.76 1.63 48.19
N ALA E 247 8.34 1.13 47.10
CA ALA E 247 9.44 0.17 47.16
C ALA E 247 10.73 0.85 46.71
N GLN E 248 11.82 0.50 47.39
CA GLN E 248 13.14 1.07 47.09
C GLN E 248 14.16 -0.07 47.02
N TYR E 249 15.05 0.00 46.03
CA TYR E 249 16.12 -0.98 45.89
C TYR E 249 17.37 -0.31 45.35
N LYS E 250 18.54 -0.73 45.84
CA LYS E 250 19.78 0.00 45.59
C LYS E 250 20.94 -0.96 45.39
N CYS E 251 21.93 -0.51 44.62
CA CYS E 251 23.18 -1.24 44.44
C CYS E 251 24.23 -0.28 43.88
N PRO E 252 25.52 -0.59 44.04
CA PRO E 252 26.56 0.36 43.62
C PRO E 252 26.79 0.38 42.12
N VAL E 253 27.11 1.57 41.62
CA VAL E 253 27.50 1.71 40.22
C VAL E 253 28.77 2.51 40.06
N ALA E 254 29.60 2.55 41.11
CA ALA E 254 30.93 3.13 41.02
C ALA E 254 31.65 2.86 42.32
N MET E 255 32.90 2.42 42.26
CA MET E 255 33.58 1.90 43.44
C MET E 255 35.08 2.15 43.35
N GLU E 256 35.68 2.49 44.48
CA GLU E 256 37.13 2.53 44.61
C GLU E 256 37.47 2.34 46.08
N GLU E 257 38.39 1.42 46.36
CA GLU E 257 38.79 1.09 47.73
C GLU E 257 40.14 1.73 48.01
N ALA E 258 40.20 2.50 49.09
CA ALA E 258 41.40 3.26 49.46
C ALA E 258 41.87 2.76 50.82
N ASP E 259 43.01 2.08 50.83
CA ASP E 259 43.59 1.54 52.05
C ASP E 259 44.29 2.63 52.87
N ASP E 260 43.98 3.90 52.58
CA ASP E 260 44.74 5.03 53.11
C ASP E 260 44.51 5.12 54.61
N THR E 261 45.25 4.31 55.35
CA THR E 261 45.19 4.31 56.80
C THR E 261 45.52 5.70 57.34
N VAL E 262 44.61 6.26 58.14
CA VAL E 262 44.83 7.54 58.80
C VAL E 262 45.24 7.27 60.24
N ALA E 263 46.44 7.70 60.61
CA ALA E 263 46.96 7.46 61.95
C ALA E 263 46.22 8.32 62.98
N PRO E 264 46.24 7.91 64.26
CA PRO E 264 45.60 8.75 65.28
C PRO E 264 46.34 10.07 65.44
N SER E 265 45.64 11.04 66.03
CA SER E 265 46.18 12.39 66.21
C SER E 265 46.56 13.01 64.87
N SER E 266 45.95 12.56 63.78
CA SER E 266 46.30 13.01 62.44
C SER E 266 45.06 13.37 61.65
N THR E 267 45.19 14.41 60.82
CA THR E 267 44.16 14.79 59.86
C THR E 267 44.63 14.47 58.45
N PHE E 268 43.71 14.05 57.59
CA PHE E 268 44.03 13.56 56.26
C PHE E 268 43.33 14.40 55.19
N CYS E 269 43.95 14.48 54.02
CA CYS E 269 43.50 15.37 52.96
C CYS E 269 43.96 14.81 51.61
N LYS E 270 43.04 14.20 50.87
CA LYS E 270 43.26 14.04 49.44
C LYS E 270 41.93 13.84 48.74
N VAL E 271 41.88 14.29 47.49
CA VAL E 271 40.69 14.14 46.66
C VAL E 271 40.71 12.75 46.03
N TYR E 272 39.56 12.10 46.01
CA TYR E 272 39.38 10.81 45.35
C TYR E 272 38.75 11.02 43.97
N THR E 273 38.39 9.93 43.30
CA THR E 273 37.72 10.03 42.00
C THR E 273 36.98 8.73 41.71
N LEU E 274 35.65 8.80 41.73
CA LEU E 274 34.80 7.76 41.19
C LEU E 274 34.24 8.17 39.83
N THR E 275 33.64 7.21 39.13
CA THR E 275 32.97 7.48 37.88
C THR E 275 31.94 6.39 37.64
N PRO E 276 30.75 6.73 37.14
CA PRO E 276 29.73 5.71 36.91
C PRO E 276 29.73 5.14 35.49
N PHE E 277 29.77 3.82 35.34
CA PHE E 277 29.59 3.19 34.04
C PHE E 277 29.07 1.77 34.24
N LEU E 278 28.30 1.30 33.26
CA LEU E 278 27.49 0.09 33.44
C LEU E 278 28.27 -1.19 33.19
N ALA E 279 29.45 -1.10 32.58
CA ALA E 279 30.17 -2.31 32.17
C ALA E 279 30.61 -3.14 33.37
N ASN E 280 31.06 -2.47 34.43
CA ASN E 280 31.55 -3.20 35.60
C ASN E 280 30.45 -3.83 36.42
N ASN E 281 29.21 -3.72 35.95
CA ASN E 281 28.05 -4.20 36.69
C ASN E 281 27.02 -4.89 35.80
N ARG E 282 27.41 -5.35 34.61
CA ARG E 282 26.43 -5.96 33.73
C ARG E 282 25.70 -7.11 34.41
N GLU E 283 26.37 -7.79 35.34
CA GLU E 283 25.79 -8.96 36.00
C GLU E 283 24.72 -8.62 37.02
N LYS E 284 24.57 -7.35 37.39
CA LYS E 284 23.65 -6.94 38.45
C LYS E 284 22.24 -6.87 37.89
N ARG E 285 21.49 -7.96 38.07
CA ARG E 285 20.11 -8.04 37.62
C ARG E 285 19.29 -6.89 38.19
N GLY E 286 18.45 -6.29 37.34
CA GLY E 286 17.48 -5.30 37.78
C GLY E 286 18.01 -3.90 37.99
N LEU E 287 19.29 -3.66 37.74
CA LEU E 287 19.83 -2.31 37.88
C LEU E 287 19.16 -1.37 36.90
N ALA E 288 18.90 -0.14 37.35
CA ALA E 288 18.10 0.80 36.59
C ALA E 288 18.92 1.39 35.44
N LEU E 289 18.38 1.29 34.24
CA LEU E 289 18.98 1.85 33.03
C LEU E 289 18.03 2.83 32.37
N ASP E 290 18.58 3.63 31.45
CA ASP E 290 17.84 4.66 30.74
C ASP E 290 16.76 4.06 29.85
N GLY E 291 15.96 4.91 29.20
CA GLY E 291 14.89 4.39 28.37
C GLY E 291 15.43 3.52 27.26
N LYS E 292 14.70 2.44 26.94
CA LYS E 292 15.06 1.54 25.87
C LYS E 292 13.85 1.28 24.98
N LEU E 293 14.06 1.29 23.66
CA LEU E 293 12.94 1.21 22.73
C LEU E 293 12.50 -0.22 22.48
N LYS E 294 13.39 -1.06 21.96
CA LYS E 294 13.15 -2.51 21.95
C LYS E 294 14.25 -3.25 22.71
N HIS E 295 15.49 -3.03 22.31
CA HIS E 295 16.64 -3.64 22.97
C HIS E 295 17.87 -2.83 22.63
N GLU E 296 18.53 -2.30 23.65
CA GLU E 296 19.67 -1.43 23.43
C GLU E 296 20.50 -1.39 24.71
N ASP E 297 21.71 -0.88 24.60
CA ASP E 297 22.60 -0.68 25.74
C ASP E 297 22.67 0.79 26.14
N THR E 298 21.56 1.52 26.03
CA THR E 298 21.51 2.88 26.56
C THR E 298 21.92 2.86 28.02
N ASN E 299 22.65 3.89 28.42
CA ASN E 299 23.43 3.82 29.65
C ASN E 299 22.50 3.87 30.86
N LEU E 300 23.09 3.92 32.04
CA LEU E 300 22.37 3.73 33.29
C LEU E 300 21.16 4.65 33.35
N ALA E 301 20.26 4.34 34.28
CA ALA E 301 19.08 5.17 34.44
C ALA E 301 19.47 6.52 35.02
N SER E 302 18.99 7.59 34.39
CA SER E 302 19.18 8.91 34.95
C SER E 302 18.16 9.17 36.05
N SER E 303 18.60 9.80 37.11
CA SER E 303 17.71 10.32 38.13
C SER E 303 16.82 11.37 37.49
N THR E 304 15.56 11.44 37.93
CA THR E 304 14.61 12.38 37.35
C THR E 304 13.84 13.06 38.46
N LEU E 305 13.54 14.34 38.25
CA LEU E 305 13.21 15.25 39.34
C LEU E 305 11.75 15.12 39.78
N LEU E 306 11.51 15.47 41.03
CA LEU E 306 10.16 15.70 41.53
C LEU E 306 9.68 17.09 41.13
N ARG E 307 8.39 17.35 41.38
CA ARG E 307 7.75 18.60 41.01
C ARG E 307 7.36 19.39 42.25
N GLU E 308 7.61 20.70 42.20
CA GLU E 308 7.37 21.58 43.33
C GLU E 308 8.11 21.08 44.57
N GLY E 309 7.82 21.68 45.72
CA GLY E 309 8.28 21.17 46.99
C GLY E 309 7.34 20.19 47.64
N ALA E 310 6.27 19.81 46.94
CA ALA E 310 5.21 19.01 47.55
C ALA E 310 5.63 17.58 47.86
N ASN E 311 6.67 17.07 47.21
CA ASN E 311 7.11 15.69 47.41
C ASN E 311 5.97 14.71 47.15
N ARG E 312 5.08 15.07 46.22
CA ARG E 312 3.92 14.25 45.93
C ARG E 312 4.35 12.88 45.39
N GLU E 313 3.66 11.84 45.85
CA GLU E 313 4.05 10.45 45.56
C GLU E 313 3.74 10.02 44.13
N ILE E 314 4.65 10.32 43.20
CA ILE E 314 4.44 9.96 41.80
C ILE E 314 4.53 8.45 41.62
N LEU E 315 3.57 7.87 40.91
CA LEU E 315 3.64 6.47 40.54
C LEU E 315 4.78 6.23 39.56
N GLY E 316 5.28 4.99 39.53
CA GLY E 316 6.35 4.63 38.63
C GLY E 316 7.73 4.68 39.28
N ILE E 317 8.74 5.00 38.47
CA ILE E 317 10.14 4.83 38.83
C ILE E 317 10.77 6.20 39.04
N ILE E 318 11.45 6.37 40.18
CA ILE E 318 12.31 7.51 40.44
C ILE E 318 13.59 6.97 41.04
N VAL E 319 14.73 7.42 40.53
CA VAL E 319 16.02 6.95 41.02
C VAL E 319 16.92 8.15 41.25
N SER E 320 17.89 7.97 42.14
CA SER E 320 18.86 9.03 42.40
C SER E 320 20.09 8.44 43.05
N TYR E 321 21.14 9.25 43.13
CA TYR E 321 22.47 8.80 43.54
C TYR E 321 23.02 9.65 44.66
N LYS E 322 23.72 9.01 45.59
CA LYS E 322 24.45 9.69 46.64
C LYS E 322 25.84 9.10 46.78
N VAL E 323 26.83 9.95 47.07
CA VAL E 323 28.22 9.53 47.18
C VAL E 323 28.52 9.09 48.61
N LYS E 324 28.39 7.80 48.88
CA LYS E 324 28.65 7.28 50.21
C LYS E 324 30.16 7.10 50.41
N VAL E 325 30.76 7.94 51.24
CA VAL E 325 32.13 7.77 51.70
C VAL E 325 32.08 7.28 53.13
N LYS E 326 32.63 6.09 53.36
CA LYS E 326 32.53 5.50 54.72
C LYS E 326 33.90 5.09 55.26
N LEU E 327 34.35 5.71 56.34
CA LEU E 327 35.57 5.31 57.03
C LEU E 327 35.30 4.02 57.79
N VAL E 328 36.16 3.02 57.59
CA VAL E 328 35.93 1.73 58.20
C VAL E 328 36.20 1.80 59.71
N VAL E 329 35.43 1.04 60.47
CA VAL E 329 35.64 0.96 61.91
C VAL E 329 36.90 0.15 62.19
N SER E 330 37.59 0.50 63.28
CA SER E 330 38.72 -0.30 63.74
C SER E 330 38.43 -0.89 65.12
N ALA E 344 30.04 7.38 58.64
CA ALA E 344 29.89 7.40 57.18
C ALA E 344 29.20 8.68 56.74
N VAL E 345 29.50 9.13 55.52
CA VAL E 345 28.93 10.36 54.99
C VAL E 345 28.47 10.12 53.56
N GLU E 346 27.29 10.64 53.23
CA GLU E 346 26.76 10.63 51.88
C GLU E 346 26.52 12.06 51.44
N LEU E 347 26.75 12.34 50.16
CA LEU E 347 26.56 13.68 49.62
C LEU E 347 25.61 13.56 48.44
N PRO E 348 24.35 13.96 48.58
CA PRO E 348 23.38 13.71 47.50
C PRO E 348 23.74 14.46 46.23
N PHE E 349 23.48 13.81 45.11
CA PHE E 349 23.79 14.42 43.82
C PHE E 349 22.86 13.85 42.76
N THR E 350 22.17 14.74 42.04
CA THR E 350 21.39 14.33 40.89
C THR E 350 22.31 14.07 39.71
N LEU E 351 22.06 12.98 38.99
CA LEU E 351 22.82 12.63 37.80
C LEU E 351 21.84 12.51 36.63
N MET E 352 22.11 13.27 35.57
CA MET E 352 21.31 13.16 34.35
C MET E 352 22.06 13.90 33.27
N HIS E 353 21.66 13.65 32.03
CA HIS E 353 22.35 14.21 30.89
C HIS E 353 22.12 15.71 30.81
N PRO E 354 22.98 16.43 30.10
CA PRO E 354 22.71 17.85 29.84
C PRO E 354 21.57 18.01 28.84
N LYS E 355 21.12 19.23 28.70
CA LYS E 355 20.05 19.49 27.75
C LYS E 355 20.57 19.31 26.33
N PRO E 356 20.00 18.40 25.54
CA PRO E 356 20.46 18.28 24.14
C PRO E 356 20.24 19.57 23.38
N LYS E 357 21.19 19.89 22.49
CA LYS E 357 21.07 21.13 21.73
C LYS E 357 20.08 20.99 20.58
N GLU F 2 6.09 -7.73 11.17
CA GLU F 2 7.14 -7.19 10.29
C GLU F 2 6.91 -5.73 9.90
N GLU F 3 6.41 -4.92 10.83
CA GLU F 3 6.32 -3.49 10.61
C GLU F 3 7.71 -2.86 10.66
N LEU F 4 7.78 -1.57 10.30
CA LEU F 4 9.03 -0.81 10.27
C LEU F 4 8.78 0.66 10.56
N ARG F 6 10.33 3.56 9.72
CA ARG F 6 11.12 4.44 8.91
C ARG F 6 10.74 5.89 9.17
N HIS F 9 10.66 13.28 6.07
CA HIS F 9 10.89 14.68 6.42
C HIS F 9 10.00 15.62 5.62
N CYS F 10 9.21 16.41 6.32
CA CYS F 10 8.32 17.38 5.70
C CYS F 10 9.05 18.66 5.30
N VAL G 5 42.45 21.62 27.53
CA VAL G 5 42.04 20.28 26.99
C VAL G 5 42.89 19.95 25.77
N GLN G 6 43.45 18.74 25.75
CA GLN G 6 44.31 18.32 24.66
C GLN G 6 44.33 16.80 24.61
N LEU G 7 44.69 16.27 23.44
CA LEU G 7 44.92 14.86 23.24
C LEU G 7 46.27 14.64 22.59
N VAL G 8 47.02 13.65 23.10
CA VAL G 8 48.34 13.32 22.60
C VAL G 8 48.48 11.80 22.60
N GLU G 9 49.41 11.31 21.77
CA GLU G 9 49.62 9.88 21.66
C GLU G 9 51.07 9.57 21.32
N SER G 10 51.41 8.30 21.47
CA SER G 10 52.79 7.84 21.48
C SER G 10 52.79 6.35 21.22
N GLY G 11 53.99 5.76 21.27
CA GLY G 11 54.14 4.32 21.17
C GLY G 11 54.17 3.77 19.76
N LEU G 14 58.99 2.70 13.80
CA LEU G 14 59.41 1.94 12.63
C LEU G 14 59.72 0.52 13.05
N VAL G 15 58.99 -0.46 12.48
CA VAL G 15 59.19 -1.86 12.82
C VAL G 15 58.96 -2.70 11.57
N GLN G 16 59.77 -3.74 11.42
CA GLN G 16 59.75 -4.53 10.20
C GLN G 16 58.43 -5.28 10.05
N PRO G 17 58.05 -5.63 8.82
CA PRO G 17 56.85 -6.48 8.63
C PRO G 17 56.94 -7.73 9.48
N GLY G 18 55.85 -8.04 10.17
CA GLY G 18 55.84 -9.05 11.19
C GLY G 18 56.17 -8.53 12.58
N GLY G 19 56.51 -7.25 12.71
CA GLY G 19 56.86 -6.66 13.99
C GLY G 19 55.63 -6.33 14.80
N SER G 20 55.83 -5.44 15.78
CA SER G 20 54.80 -5.12 16.76
C SER G 20 55.01 -3.71 17.29
N LEU G 21 53.96 -3.17 17.91
CA LEU G 21 54.01 -1.86 18.52
C LEU G 21 53.04 -1.79 19.69
N ARG G 22 53.24 -0.78 20.55
CA ARG G 22 52.40 -0.50 21.70
C ARG G 22 51.99 0.97 21.65
N LEU G 23 50.94 1.26 20.89
CA LEU G 23 50.45 2.63 20.79
C LEU G 23 49.76 3.04 22.09
N SER G 24 49.93 4.30 22.47
CA SER G 24 49.29 4.85 23.65
C SER G 24 48.92 6.31 23.40
N CYS G 25 47.77 6.73 23.93
CA CYS G 25 47.30 8.09 23.73
C CYS G 25 46.77 8.65 25.04
N ALA G 26 47.07 9.93 25.27
CA ALA G 26 46.70 10.62 26.50
C ALA G 26 46.01 11.93 26.16
N ALA G 27 44.90 12.20 26.85
CA ALA G 27 44.26 13.50 26.81
C ALA G 27 44.62 14.31 28.04
N SER G 28 44.09 15.52 28.12
CA SER G 28 44.18 16.31 29.33
C SER G 28 42.96 17.20 29.42
N GLY G 29 42.65 17.63 30.65
CA GLY G 29 41.52 18.50 30.91
C GLY G 29 40.17 17.82 30.90
N PHE G 30 40.07 16.62 30.34
CA PHE G 30 38.82 15.87 30.33
C PHE G 30 39.13 14.39 30.48
N ASN G 31 38.07 13.58 30.55
CA ASN G 31 38.17 12.23 31.05
C ASN G 31 37.86 11.18 29.98
N VAL G 32 38.39 9.98 30.22
CA VAL G 32 38.27 8.89 29.26
C VAL G 32 36.81 8.48 29.10
N TYR G 33 36.10 8.26 30.21
CA TYR G 33 34.76 7.69 30.13
C TYR G 33 33.79 8.60 29.41
N SER G 34 34.14 9.85 29.19
CA SER G 34 33.36 10.72 28.30
C SER G 34 33.74 10.45 26.85
N SER G 35 34.41 9.33 26.58
CA SER G 35 35.03 9.08 25.29
C SER G 35 34.68 7.69 24.77
N SER G 36 34.21 7.62 23.53
CA SER G 36 34.29 6.39 22.76
C SER G 36 35.65 6.39 22.07
N ILE G 37 36.59 5.61 22.58
CA ILE G 37 37.98 5.71 22.17
C ILE G 37 38.10 5.04 20.80
N HIS G 38 38.20 5.85 19.75
CA HIS G 38 38.50 5.38 18.41
C HIS G 38 39.99 5.55 18.09
N TRP G 39 40.46 4.78 17.11
CA TRP G 39 41.67 5.10 16.37
C TRP G 39 41.34 5.18 14.89
N VAL G 40 42.06 6.04 14.18
CA VAL G 40 41.86 6.22 12.75
C VAL G 40 43.21 6.48 12.10
N ARG G 41 43.41 5.95 10.90
CA ARG G 41 44.70 5.99 10.21
C ARG G 41 44.56 6.57 8.82
N GLN G 42 45.70 6.98 8.26
CA GLN G 42 45.75 7.68 6.98
C GLN G 42 47.08 7.40 6.29
N ALA G 43 47.04 6.80 5.10
CA ALA G 43 48.25 6.71 4.30
C ALA G 43 48.56 8.06 3.66
N PRO G 44 49.83 8.35 3.38
CA PRO G 44 50.18 9.68 2.88
C PRO G 44 49.43 10.01 1.60
N GLY G 45 48.80 11.18 1.58
CA GLY G 45 48.07 11.63 0.41
C GLY G 45 46.76 10.91 0.16
N LYS G 46 46.32 10.07 1.09
CA LYS G 46 45.12 9.25 0.94
C LYS G 46 44.06 9.68 1.95
N GLY G 47 43.01 8.86 2.06
CA GLY G 47 41.85 9.18 2.87
C GLY G 47 42.02 8.87 4.34
N LEU G 48 41.06 8.14 4.91
CA LEU G 48 40.96 7.98 6.35
C LEU G 48 40.11 6.75 6.64
N GLU G 49 40.47 6.01 7.69
CA GLU G 49 39.92 4.67 7.89
C GLU G 49 39.84 4.35 9.37
N TRP G 50 38.66 3.99 9.84
CA TRP G 50 38.48 3.58 11.23
C TRP G 50 39.01 2.18 11.44
N VAL G 51 39.93 2.01 12.40
CA VAL G 51 40.53 0.71 12.68
C VAL G 51 39.86 0.04 13.86
N ALA G 52 39.70 0.75 14.96
CA ALA G 52 39.20 0.13 16.19
C ALA G 52 38.61 1.23 17.06
N SER G 53 37.71 0.82 17.95
CA SER G 53 37.21 1.75 18.94
C SER G 53 36.89 0.99 20.21
N ILE G 54 36.96 1.70 21.34
CA ILE G 54 36.55 1.15 22.63
C ILE G 54 35.90 2.27 23.42
N SER G 55 34.63 2.11 23.76
CA SER G 55 33.99 2.89 24.81
C SER G 55 33.85 1.95 26.01
N SER G 56 34.82 2.02 26.92
CA SER G 56 34.84 1.13 28.07
C SER G 56 33.54 1.22 28.86
N TYR G 57 32.84 2.35 28.75
CA TYR G 57 31.58 2.52 29.45
C TYR G 57 30.70 1.30 29.28
N TYR G 58 30.76 0.65 28.11
CA TYR G 58 30.02 -0.57 27.84
C TYR G 58 30.91 -1.79 27.69
N GLY G 59 32.23 -1.62 27.67
CA GLY G 59 33.13 -2.75 27.57
C GLY G 59 33.12 -3.46 26.23
N TYR G 60 32.75 -2.77 25.15
CA TYR G 60 32.76 -3.36 23.82
C TYR G 60 33.94 -2.80 23.02
N THR G 61 34.74 -3.69 22.45
CA THR G 61 35.83 -3.33 21.55
C THR G 61 35.36 -3.57 20.12
N TYR G 62 35.47 -2.54 19.30
CA TYR G 62 35.08 -2.63 17.90
C TYR G 62 36.32 -2.53 17.03
N TYR G 63 36.40 -3.38 15.99
CA TYR G 63 37.54 -3.38 15.07
C TYR G 63 37.05 -3.41 13.64
N ALA G 64 37.88 -2.87 12.74
CA ALA G 64 37.60 -2.92 11.32
C ALA G 64 37.87 -4.30 10.75
N ASP G 65 37.20 -4.61 9.63
CA ASP G 65 37.41 -5.91 9.00
C ASP G 65 38.83 -6.07 8.49
N SER G 66 39.48 -4.97 8.12
CA SER G 66 40.82 -5.05 7.54
C SER G 66 41.87 -5.54 8.53
N VAL G 67 41.57 -5.52 9.83
CA VAL G 67 42.58 -5.80 10.85
C VAL G 67 42.07 -6.82 11.85
N LYS G 68 40.89 -7.39 11.59
CA LYS G 68 40.17 -8.11 12.62
C LYS G 68 41.07 -9.12 13.32
N GLY G 69 41.00 -9.12 14.65
CA GLY G 69 41.72 -10.08 15.47
C GLY G 69 43.19 -9.80 15.67
N ARG G 70 43.84 -9.10 14.74
CA ARG G 70 45.26 -8.78 14.91
C ARG G 70 45.45 -7.78 16.04
N PHE G 71 44.87 -6.59 15.89
CA PHE G 71 45.04 -5.53 16.87
C PHE G 71 44.28 -5.85 18.14
N THR G 72 44.67 -5.19 19.23
CA THR G 72 43.93 -5.23 20.48
C THR G 72 43.93 -3.82 21.06
N ILE G 73 42.76 -3.39 21.54
CA ILE G 73 42.55 -2.03 22.02
C ILE G 73 42.14 -2.09 23.48
N SER G 74 42.72 -1.22 24.30
CA SER G 74 42.41 -1.18 25.73
C SER G 74 42.61 0.23 26.24
N ALA G 75 41.91 0.55 27.32
CA ALA G 75 41.87 1.91 27.86
C ALA G 75 42.57 1.95 29.21
N ASP G 76 43.57 2.82 29.33
CA ASP G 76 44.23 3.05 30.62
C ASP G 76 43.47 4.15 31.34
N THR G 77 42.49 3.73 32.14
CA THR G 77 41.65 4.66 32.87
C THR G 77 42.43 5.47 33.89
N SER G 78 43.55 4.94 34.38
CA SER G 78 44.23 5.53 35.54
C SER G 78 45.11 6.72 35.20
N LYS G 79 45.41 6.95 33.92
CA LYS G 79 46.09 8.18 33.50
C LYS G 79 45.43 8.75 32.25
N ASN G 80 44.12 8.53 32.13
CA ASN G 80 43.34 9.19 31.09
C ASN G 80 43.92 8.84 29.72
N THR G 81 44.06 7.54 29.46
CA THR G 81 44.86 7.08 28.32
C THR G 81 44.33 5.75 27.80
N ALA G 82 44.59 5.49 26.52
CA ALA G 82 44.18 4.25 25.88
C ALA G 82 45.27 3.80 24.92
N TYR G 83 45.24 2.51 24.58
CA TYR G 83 46.30 1.87 23.82
C TYR G 83 45.74 1.16 22.60
N ASP G 93 50.25 -1.21 6.00
CA ASP G 93 49.75 -0.48 7.16
C ASP G 93 50.56 0.78 7.47
N THR G 94 51.60 1.08 6.69
CA THR G 94 52.36 2.30 6.92
C THR G 94 51.45 3.50 6.77
N ALA G 95 51.16 4.16 7.89
CA ALA G 95 50.23 5.27 7.91
C ALA G 95 50.34 5.99 9.24
N VAL G 96 49.88 7.23 9.26
CA VAL G 96 49.73 7.93 10.53
C VAL G 96 48.63 7.24 11.33
N TYR G 97 48.75 7.30 12.65
CA TYR G 97 47.75 6.75 13.55
C TYR G 97 47.26 7.83 14.49
N TYR G 98 45.95 8.04 14.52
CA TYR G 98 45.32 9.01 15.40
C TYR G 98 44.51 8.31 16.48
N CYS G 99 44.70 8.73 17.72
CA CYS G 99 43.76 8.39 18.78
C CYS G 99 42.69 9.48 18.86
N ALA G 100 41.44 9.07 19.09
CA ALA G 100 40.32 9.99 18.95
C ALA G 100 39.29 9.72 20.04
N ARG G 101 38.37 10.68 20.18
CA ARG G 101 37.29 10.62 21.15
C ARG G 101 35.99 11.08 20.54
N SER G 102 34.90 10.44 20.93
CA SER G 102 33.55 10.94 20.69
C SER G 102 32.75 10.83 21.98
N ARG G 103 31.56 11.45 21.98
CA ARG G 103 30.77 11.61 23.19
C ARG G 103 30.15 10.30 23.67
N GLN G 104 29.35 10.38 24.74
CA GLN G 104 28.66 9.22 25.28
C GLN G 104 27.15 9.52 25.36
N TRP G 106 25.06 12.59 22.61
CA TRP G 106 25.46 11.25 22.18
C TRP G 106 26.44 11.37 21.03
N TYR G 107 26.82 10.23 20.44
CA TYR G 107 27.80 10.25 19.36
C TYR G 107 27.43 11.31 18.36
N SER G 108 28.27 12.34 18.28
CA SER G 108 27.97 13.52 17.49
C SER G 108 29.22 13.90 16.71
N GLY G 109 29.84 12.90 16.09
CA GLY G 109 31.06 13.08 15.33
C GLY G 109 32.29 13.15 16.20
N LEU G 110 33.44 12.77 15.63
CA LEU G 110 34.68 12.77 16.39
C LEU G 110 35.08 14.21 16.69
N ASP G 111 34.97 14.62 17.96
CA ASP G 111 35.08 16.02 18.31
C ASP G 111 36.36 16.40 19.05
N TYR G 112 37.01 15.47 19.73
CA TYR G 112 38.34 15.69 20.30
C TYR G 112 39.35 14.79 19.62
N TRP G 113 40.49 15.38 19.23
CA TRP G 113 41.44 14.76 18.31
C TRP G 113 42.85 14.86 18.85
N GLY G 114 43.63 13.80 18.63
CA GLY G 114 45.03 13.78 19.03
C GLY G 114 45.93 14.52 18.06
N GLN G 115 47.22 14.47 18.37
CA GLN G 115 48.27 15.07 17.55
C GLN G 115 48.78 14.13 16.47
N ASP H 2 28.72 -3.22 5.31
CA ASP H 2 29.61 -2.10 5.02
C ASP H 2 28.93 -1.16 4.04
N ILE H 3 28.50 -0.01 4.53
CA ILE H 3 27.94 1.04 3.67
C ILE H 3 29.09 1.67 2.90
N GLN H 4 29.16 1.38 1.61
CA GLN H 4 30.29 1.88 0.82
C GLN H 4 30.02 3.32 0.43
N MET H 5 29.76 4.15 1.44
CA MET H 5 29.45 5.55 1.20
C MET H 5 30.55 6.19 0.37
N THR H 6 30.14 7.00 -0.61
CA THR H 6 31.07 7.56 -1.58
C THR H 6 30.76 9.05 -1.74
N GLN H 7 31.77 9.77 -2.23
CA GLN H 7 31.81 11.22 -2.10
C GLN H 7 32.21 11.84 -3.41
N SER H 8 31.54 12.93 -3.77
CA SER H 8 31.86 13.70 -4.97
C SER H 8 31.60 15.16 -4.69
N PRO H 9 32.24 16.08 -5.42
CA PRO H 9 33.28 15.87 -6.43
C PRO H 9 34.61 15.50 -5.80
N SER H 10 35.61 15.20 -6.62
CA SER H 10 36.93 14.92 -6.08
C SER H 10 37.66 16.19 -5.67
N SER H 11 37.48 17.28 -6.40
CA SER H 11 38.18 18.52 -6.12
C SER H 11 37.53 19.65 -6.93
N LEU H 12 37.86 20.89 -6.56
CA LEU H 12 37.39 22.05 -7.29
C LEU H 12 38.21 23.28 -6.88
N SER H 13 38.24 24.27 -7.78
CA SER H 13 38.81 25.59 -7.50
C SER H 13 37.70 26.64 -7.53
N GLY H 17 36.22 33.32 -0.68
CA GLY H 17 34.91 33.77 -0.25
C GLY H 17 33.76 33.22 -1.05
N ASP H 18 34.03 32.45 -2.09
CA ASP H 18 32.98 31.98 -2.99
C ASP H 18 32.27 30.76 -2.42
N ARG H 19 30.99 30.63 -2.78
CA ARG H 19 30.13 29.56 -2.30
C ARG H 19 30.44 28.23 -2.99
N VAL H 20 30.42 27.15 -2.20
CA VAL H 20 30.63 25.79 -2.71
C VAL H 20 29.77 24.81 -1.93
N THR H 21 29.57 23.62 -2.50
CA THR H 21 28.84 22.54 -1.85
C THR H 21 29.42 21.19 -2.26
N ILE H 22 29.36 20.23 -1.34
CA ILE H 22 29.91 18.90 -1.55
C ILE H 22 28.86 17.86 -1.19
N THR H 23 28.86 16.72 -1.90
CA THR H 23 27.81 15.72 -1.77
C THR H 23 28.41 14.32 -1.59
N CYS H 24 27.72 13.48 -0.83
CA CYS H 24 28.10 12.07 -0.65
C CYS H 24 26.88 11.18 -0.85
N ARG H 25 27.14 9.92 -1.20
CA ARG H 25 26.10 8.93 -1.49
C ARG H 25 26.15 7.82 -0.45
N ALA H 26 25.01 7.51 0.15
CA ALA H 26 24.90 6.40 1.08
C ALA H 26 24.40 5.15 0.34
N SER H 27 25.00 4.00 0.65
CA SER H 27 24.59 2.75 0.03
C SER H 27 23.31 2.19 0.64
N GLN H 28 22.89 2.67 1.79
CA GLN H 28 21.67 2.20 2.43
C GLN H 28 21.19 3.31 3.36
N SER H 29 19.99 3.15 3.89
CA SER H 29 19.45 4.14 4.81
C SER H 29 20.31 4.19 6.07
N VAL H 30 20.76 5.39 6.43
CA VAL H 30 21.63 5.58 7.59
C VAL H 30 21.10 6.70 8.47
N SER H 31 19.82 7.05 8.31
CA SER H 31 19.15 8.07 9.12
C SER H 31 20.00 9.34 9.06
N SER H 32 20.26 10.02 10.18
CA SER H 32 21.01 11.27 10.21
C SER H 32 22.48 11.07 10.50
N ALA H 33 22.96 9.83 10.57
CA ALA H 33 24.31 9.54 11.03
C ALA H 33 25.38 9.98 10.06
N VAL H 34 25.61 11.28 9.93
CA VAL H 34 26.68 11.81 9.10
C VAL H 34 27.51 12.80 9.91
N ALA H 35 28.74 13.02 9.46
CA ALA H 35 29.56 14.10 9.97
C ALA H 35 30.34 14.71 8.81
N TRP H 36 30.97 15.84 9.09
CA TRP H 36 31.88 16.49 8.16
C TRP H 36 33.10 16.99 8.92
N TYR H 37 34.27 16.87 8.32
CA TYR H 37 35.53 17.20 8.98
C TYR H 37 36.44 17.95 8.02
N GLN H 38 37.08 19.00 8.53
CA GLN H 38 38.06 19.76 7.76
C GLN H 38 39.45 19.38 8.25
N GLN H 39 40.27 18.83 7.35
CA GLN H 39 41.65 18.46 7.66
C GLN H 39 42.60 19.24 6.77
N LYS H 40 43.51 19.97 7.39
CA LYS H 40 44.73 20.37 6.71
C LYS H 40 45.71 19.21 6.79
N PRO H 41 46.18 18.67 5.66
CA PRO H 41 47.12 17.55 5.75
C PRO H 41 48.31 17.89 6.64
N GLY H 42 48.69 16.92 7.47
CA GLY H 42 49.61 17.15 8.56
C GLY H 42 48.93 17.51 9.88
N LYS H 43 47.62 17.72 9.87
CA LYS H 43 46.88 18.07 11.07
C LYS H 43 45.71 17.10 11.25
N ALA H 44 45.34 16.85 12.51
CA ALA H 44 44.25 15.95 12.80
C ALA H 44 42.91 16.58 12.38
N PRO H 45 41.92 15.77 12.04
CA PRO H 45 40.63 16.33 11.64
C PRO H 45 40.00 17.13 12.76
N LYS H 46 39.12 18.04 12.37
CA LYS H 46 38.31 18.81 13.30
C LYS H 46 36.86 18.79 12.82
N LEU H 47 35.94 18.52 13.76
CA LEU H 47 34.56 18.28 13.40
C LEU H 47 33.86 19.57 12.98
N LEU H 48 33.11 19.50 11.89
CA LEU H 48 32.28 20.62 11.43
C LEU H 48 30.80 20.43 11.77
N ILE H 49 30.23 19.29 11.40
CA ILE H 49 28.78 19.11 11.37
C ILE H 49 28.43 17.79 12.04
N TYR H 50 27.36 17.80 12.82
CA TYR H 50 26.82 16.57 13.37
C TYR H 50 25.34 16.44 13.02
N SER H 51 24.91 15.19 12.87
CA SER H 51 23.58 14.85 12.37
C SER H 51 23.23 15.67 11.13
N ALA H 52 24.21 15.78 10.23
CA ALA H 52 24.09 16.30 8.87
C ALA H 52 23.57 17.73 8.80
N SER H 53 23.28 18.38 9.93
CA SER H 53 22.82 19.76 9.88
C SER H 53 23.52 20.65 10.89
N SER H 54 23.77 20.13 12.09
CA SER H 54 23.98 20.96 13.27
C SER H 54 25.42 21.46 13.34
N LEU H 55 25.57 22.77 13.38
CA LEU H 55 26.89 23.39 13.49
C LEU H 55 27.48 23.15 14.87
N TYR H 56 28.73 22.69 14.92
CA TYR H 56 29.42 22.49 16.18
C TYR H 56 29.98 23.81 16.71
N SER H 57 30.22 23.84 18.02
CA SER H 57 30.64 25.07 18.67
C SER H 57 31.90 25.62 18.03
N GLY H 58 31.92 26.94 17.83
CA GLY H 58 33.07 27.64 17.27
C GLY H 58 33.22 27.50 15.78
N VAL H 59 32.49 26.60 15.14
CA VAL H 59 32.62 26.47 13.69
C VAL H 59 32.13 27.76 13.02
N PRO H 60 32.78 28.27 11.98
CA PRO H 60 32.24 29.43 11.28
C PRO H 60 30.87 29.14 10.68
N SER H 61 30.03 30.17 10.62
CA SER H 61 28.67 30.01 10.14
C SER H 61 28.63 29.54 8.69
N ARG H 62 29.75 29.63 7.98
CA ARG H 62 29.80 29.21 6.59
C ARG H 62 29.36 27.76 6.41
N PHE H 63 29.58 26.92 7.43
CA PHE H 63 29.39 25.47 7.33
C PHE H 63 27.95 25.10 7.66
N SER H 64 27.15 24.83 6.64
CA SER H 64 25.74 24.48 6.78
C SER H 64 25.51 23.06 6.27
N GLY H 65 25.06 22.17 7.16
CA GLY H 65 24.79 20.80 6.77
C GLY H 65 23.48 20.68 6.02
N SER H 66 23.49 19.82 4.99
CA SER H 66 22.34 19.65 4.11
C SER H 66 22.05 18.17 3.89
N ARG H 67 20.82 17.89 3.47
CA ARG H 67 20.34 16.52 3.26
C ARG H 67 19.20 16.51 2.27
N SER H 68 19.09 15.41 1.53
CA SER H 68 17.85 15.06 0.80
C SER H 68 17.78 13.54 0.69
N GLY H 69 17.11 12.91 1.65
CA GLY H 69 17.04 11.46 1.67
C GLY H 69 18.39 10.86 2.01
N THR H 70 18.82 9.87 1.23
CA THR H 70 20.17 9.32 1.39
C THR H 70 21.23 10.22 0.78
N ASP H 71 20.81 11.28 0.10
CA ASP H 71 21.73 12.35 -0.26
C ASP H 71 22.05 13.16 0.99
N PHE H 72 23.30 13.08 1.47
CA PHE H 72 23.76 14.10 2.44
C PHE H 72 24.62 15.07 1.64
N THR H 73 24.91 16.19 2.27
CA THR H 73 25.81 17.12 1.58
C THR H 73 26.24 18.21 2.53
N LEU H 74 27.11 19.06 2.03
CA LEU H 74 27.62 20.20 2.76
C LEU H 74 27.61 21.42 1.86
N THR H 75 27.33 22.57 2.45
CA THR H 75 27.47 23.86 1.79
C THR H 75 28.38 24.75 2.61
N ILE H 76 29.58 25.02 2.08
CA ILE H 76 30.40 26.11 2.57
C ILE H 76 29.98 27.34 1.79
N SER H 77 29.14 28.18 2.41
CA SER H 77 28.54 29.29 1.69
C SER H 77 29.59 30.29 1.21
N SER H 78 30.80 30.21 1.74
CA SER H 78 31.87 31.10 1.34
C SER H 78 33.21 30.50 1.74
N LEU H 79 34.10 30.29 0.78
CA LEU H 79 35.42 29.77 1.08
C LEU H 79 36.29 30.89 1.65
N GLU H 82 41.39 29.80 4.35
CA GLU H 82 41.70 28.57 5.08
C GLU H 82 40.87 27.39 4.59
N ASP H 83 39.85 27.61 3.75
CA ASP H 83 38.98 26.54 3.30
C ASP H 83 39.51 25.78 2.10
N PHE H 84 40.73 26.10 1.63
CA PHE H 84 41.38 25.23 0.67
C PHE H 84 41.92 24.01 1.42
N ALA H 85 41.00 23.18 1.94
CA ALA H 85 41.33 22.09 2.85
C ALA H 85 40.59 20.82 2.44
N THR H 86 40.99 19.70 3.03
CA THR H 86 40.35 18.42 2.78
C THR H 86 39.11 18.28 3.64
N TYR H 87 38.02 17.78 3.05
CA TYR H 87 36.76 17.62 3.76
C TYR H 87 36.25 16.18 3.61
N TYR H 88 35.97 15.55 4.74
CA TYR H 88 35.46 14.19 4.78
C TYR H 88 33.99 14.23 5.17
N CYS H 89 33.14 13.49 4.45
CA CYS H 89 31.85 13.13 5.03
C CYS H 89 32.02 11.89 5.89
N GLN H 90 30.94 11.25 6.32
CA GLN H 90 31.07 10.10 7.21
C GLN H 90 29.77 9.30 7.18
N GLN H 91 29.75 8.23 7.97
CA GLN H 91 28.55 7.44 8.22
C GLN H 91 28.78 6.67 9.51
N TYR H 92 27.76 6.63 10.38
CA TYR H 92 27.92 5.85 11.59
C TYR H 92 26.68 5.14 12.11
N LYS H 93 25.54 5.16 11.42
CA LYS H 93 24.37 4.49 11.99
C LYS H 93 24.70 3.05 12.36
N TYR H 94 25.31 2.33 11.42
CA TYR H 94 25.74 0.96 11.64
C TYR H 94 27.23 0.93 11.92
N VAL H 95 27.63 0.10 12.87
CA VAL H 95 29.05 -0.26 12.97
C VAL H 95 29.38 -1.23 11.85
N PRO H 96 30.47 -1.07 11.12
CA PRO H 96 31.54 -0.08 11.25
C PRO H 96 31.24 1.26 10.62
N VAL H 97 32.02 2.26 11.03
CA VAL H 97 31.99 3.54 10.35
C VAL H 97 32.67 3.40 8.99
N THR H 98 32.45 4.38 8.12
CA THR H 98 33.09 4.38 6.81
C THR H 98 33.23 5.82 6.32
N PHE H 99 34.36 6.44 6.60
CA PHE H 99 34.71 7.68 5.93
C PHE H 99 34.70 7.48 4.41
N GLY H 100 34.64 8.60 3.69
CA GLY H 100 34.72 8.60 2.24
C GLY H 100 36.06 9.12 1.74
N GLN H 101 36.18 9.17 0.42
CA GLN H 101 37.43 9.50 -0.24
C GLN H 101 37.87 10.95 -0.04
N GLY H 102 37.00 11.84 0.40
CA GLY H 102 37.41 13.18 0.74
C GLY H 102 37.61 14.11 -0.43
N THR H 103 37.19 15.37 -0.27
CA THR H 103 37.22 16.38 -1.34
C THR H 103 38.09 17.55 -0.90
N LYS H 104 39.13 17.84 -1.70
CA LYS H 104 40.00 18.97 -1.45
C LYS H 104 39.46 20.23 -2.13
N VAL H 105 40.09 21.36 -1.83
CA VAL H 105 39.67 22.66 -2.37
C VAL H 105 40.90 23.50 -2.69
N GLU H 106 40.77 24.33 -3.73
CA GLU H 106 41.86 25.21 -4.15
C GLU H 106 41.34 26.51 -4.78
#